data_7SZA
#
_entry.id   7SZA
#
_cell.length_a   297.510
_cell.length_b   47.490
_cell.length_c   62.270
_cell.angle_alpha   90.000
_cell.angle_beta   96.530
_cell.angle_gamma   90.000
#
_symmetry.space_group_name_H-M   'C 1 2 1'
#
loop_
_entity.id
_entity.type
_entity.pdbx_description
1 polymer 'EKC/KEOPS complex subunit TP53RK'
2 polymer 'EKC/KEOPS complex subunit TPRKB'
3 non-polymer 4-amino-2-[(3R)-2,6-dioxopiperidin-3-yl]-1H-isoindole-1,3(2H)-dione
4 non-polymer 'CITRATE ANION'
5 water water
#
loop_
_entity_poly.entity_id
_entity_poly.type
_entity_poly.pdbx_seq_one_letter_code
_entity_poly.pdbx_strand_id
1 'polypeptide(L)'
;GPMAAARATTPADGEEPAPEAEALAAARERSSRFLSGLELVKQGAEARVFRGRFQGRAAVIKHRFPKGYRHPALEARLGR
RRTVQEARALLRCRRAGISAPVVFFVDYASNCLYMEEIEGSVTVRDYIQSTMETEKTPQGLSNLAKTIGQVLARMHDEDL
IHGDLTTSNMLLKPPLEQLNIVLIDFGLSFISALPEDKGVDLYVLEKAFLSTHPNTETVFEAFLKSYSTSSKKARPVLKK
LDEVRLRGRKRSMVG
;
A,C
2 'polypeptide(L)'
;GPHMQLTHQLDLFPECRVTLLLFKDVKNAGDLRRKAMEGTIDGSLINPTVIVDPFQILVAANKAVHLYKLGKMKTRTLST
EIIFNLSPNNNISEALKKFGISANDTSILIVYIEEGEKQINQEYLISQVEGHQVSLKNLPEIMNITEVKKIYKLSSQEES
IGTLLDAIICRMSTKDVL
;
B,D
#
# COMPACT_ATOMS: atom_id res chain seq x y z
N GLU A 16 53.80 -18.98 3.69
CA GLU A 16 52.55 -19.38 4.35
C GLU A 16 51.35 -18.78 3.62
N PRO A 17 50.24 -19.53 3.60
CA PRO A 17 49.03 -19.02 2.94
C PRO A 17 48.38 -17.91 3.75
N ALA A 18 47.68 -17.02 3.05
CA ALA A 18 46.97 -15.94 3.71
C ALA A 18 45.73 -16.48 4.42
N PRO A 19 45.49 -16.08 5.68
CA PRO A 19 44.28 -16.55 6.38
C PRO A 19 43.00 -16.19 5.65
N GLU A 20 42.97 -15.04 4.97
CA GLU A 20 41.78 -14.67 4.21
C GLU A 20 41.54 -15.65 3.06
N ALA A 21 42.59 -15.98 2.32
CA ALA A 21 42.43 -16.93 1.23
C ALA A 21 42.07 -18.31 1.76
N GLU A 22 42.66 -18.75 2.87
CA GLU A 22 42.28 -20.04 3.45
C GLU A 22 40.82 -20.03 3.84
N ALA A 23 40.34 -18.94 4.45
CA ALA A 23 38.93 -18.87 4.84
C ALA A 23 38.03 -18.92 3.61
N LEU A 24 38.43 -18.28 2.52
CA LEU A 24 37.59 -18.28 1.32
C LEU A 24 37.52 -19.67 0.72
N ALA A 25 38.65 -20.39 0.71
CA ALA A 25 38.66 -21.77 0.23
C ALA A 25 37.76 -22.67 1.07
N ALA A 26 37.77 -22.49 2.41
CA ALA A 26 36.90 -23.30 3.25
C ALA A 26 35.43 -23.03 2.94
N ALA A 27 35.10 -21.78 2.62
CA ALA A 27 33.70 -21.47 2.29
C ALA A 27 33.28 -22.10 0.98
N ARG A 28 34.17 -22.08 -0.02
CA ARG A 28 33.83 -22.71 -1.29
C ARG A 28 33.69 -24.21 -1.15
N GLU A 29 34.53 -24.82 -0.30
CA GLU A 29 34.37 -26.23 0.00
C GLU A 29 33.01 -26.51 0.66
N ARG A 30 32.61 -25.67 1.63
CA ARG A 30 31.30 -25.85 2.25
C ARG A 30 30.20 -25.84 1.20
N SER A 31 30.27 -24.90 0.26
CA SER A 31 29.23 -24.77 -0.75
C SER A 31 29.19 -25.98 -1.67
N SER A 32 30.35 -26.38 -2.21
CA SER A 32 30.38 -27.56 -3.08
C SER A 32 29.88 -28.79 -2.34
N ARG A 33 30.24 -28.92 -1.06
CA ARG A 33 29.78 -30.05 -0.28
C ARG A 33 28.27 -30.03 -0.12
N PHE A 34 27.70 -28.86 0.15
CA PHE A 34 26.26 -28.77 0.33
C PHE A 34 25.52 -29.15 -0.96
N LEU A 35 26.06 -28.74 -2.11
CA LEU A 35 25.45 -29.02 -3.40
C LEU A 35 25.68 -30.44 -3.88
N SER A 36 26.68 -31.13 -3.34
CA SER A 36 27.11 -32.42 -3.87
C SER A 36 25.98 -33.44 -3.87
N GLY A 37 25.13 -33.46 -2.84
CA GLY A 37 24.16 -34.52 -2.78
C GLY A 37 22.75 -34.14 -3.19
N LEU A 38 22.62 -33.03 -3.92
CA LEU A 38 21.30 -32.51 -4.21
C LEU A 38 20.82 -32.88 -5.60
N GLU A 39 19.50 -32.90 -5.74
CA GLU A 39 18.84 -33.19 -7.01
C GLU A 39 18.82 -31.96 -7.92
N LEU A 40 19.22 -32.16 -9.17
CA LEU A 40 19.15 -31.14 -10.22
C LEU A 40 17.71 -30.89 -10.68
N VAL A 41 17.27 -29.64 -10.66
CA VAL A 41 15.96 -29.32 -11.21
C VAL A 41 16.02 -28.53 -12.50
N LYS A 42 17.14 -27.88 -12.81
CA LYS A 42 17.23 -27.16 -14.08
C LYS A 42 18.67 -27.05 -14.52
N GLN A 43 18.89 -27.21 -15.83
CA GLN A 43 20.21 -27.09 -16.45
C GLN A 43 20.14 -26.03 -17.55
N GLY A 44 20.80 -24.89 -17.35
CA GLY A 44 20.94 -23.89 -18.38
C GLY A 44 22.25 -24.08 -19.15
N ALA A 45 22.61 -23.06 -19.94
CA ALA A 45 23.91 -23.09 -20.59
C ALA A 45 25.03 -23.02 -19.55
N GLU A 46 25.04 -21.97 -18.74
CA GLU A 46 26.07 -21.81 -17.72
C GLU A 46 25.64 -22.35 -16.37
N ALA A 47 24.36 -22.21 -16.01
CA ALA A 47 23.89 -22.41 -14.64
C ALA A 47 23.30 -23.79 -14.42
N ARG A 48 23.39 -24.25 -13.16
CA ARG A 48 22.70 -25.44 -12.67
C ARG A 48 21.86 -25.00 -11.48
N VAL A 49 20.65 -25.56 -11.37
CA VAL A 49 19.75 -25.25 -10.26
C VAL A 49 19.40 -26.56 -9.56
N PHE A 50 19.67 -26.63 -8.26
CA PHE A 50 19.43 -27.80 -7.42
C PHE A 50 18.34 -27.49 -6.41
N ARG A 51 17.61 -28.51 -5.97
CA ARG A 51 16.61 -28.30 -4.93
C ARG A 51 17.14 -28.86 -3.62
N GLY A 52 16.85 -28.13 -2.53
CA GLY A 52 17.27 -28.52 -1.22
C GLY A 52 16.39 -27.84 -0.19
N ARG A 53 16.87 -27.81 1.04
CA ARG A 53 16.17 -27.15 2.14
C ARG A 53 17.06 -26.03 2.65
N PHE A 54 16.44 -24.91 3.00
CA PHE A 54 17.17 -23.83 3.66
C PHE A 54 16.42 -23.42 4.91
N GLN A 55 16.95 -23.79 6.08
CA GLN A 55 16.40 -23.44 7.39
C GLN A 55 14.89 -23.69 7.45
N GLY A 56 14.48 -24.89 7.06
CA GLY A 56 13.10 -25.30 7.14
C GLY A 56 12.22 -24.95 5.97
N ARG A 57 12.73 -24.26 4.96
CA ARG A 57 11.95 -23.88 3.79
C ARG A 57 12.43 -24.65 2.56
N ALA A 58 11.50 -24.97 1.66
CA ALA A 58 11.90 -25.55 0.38
C ALA A 58 12.65 -24.49 -0.42
N ALA A 59 13.83 -24.83 -0.92
CA ALA A 59 14.69 -23.85 -1.58
C ALA A 59 15.27 -24.47 -2.85
N VAL A 60 15.67 -23.61 -3.79
CA VAL A 60 16.55 -24.03 -4.88
C VAL A 60 17.86 -23.26 -4.73
N ILE A 61 18.94 -23.83 -5.25
CA ILE A 61 20.26 -23.21 -5.15
C ILE A 61 20.85 -23.17 -6.56
N LYS A 62 21.26 -21.99 -7.00
CA LYS A 62 21.71 -21.78 -8.37
C LYS A 62 23.19 -21.46 -8.37
N HIS A 63 23.95 -22.17 -9.21
CA HIS A 63 25.40 -22.06 -9.26
C HIS A 63 25.87 -22.33 -10.68
N ARG A 64 26.98 -21.70 -11.06
CA ARG A 64 27.64 -21.94 -12.34
C ARG A 64 28.99 -22.59 -12.07
N PHE A 65 29.15 -23.81 -12.52
CA PHE A 65 30.37 -24.61 -12.38
C PHE A 65 31.36 -24.26 -13.49
N PRO A 66 32.66 -24.24 -13.19
CA PRO A 66 33.66 -24.00 -14.25
C PRO A 66 33.52 -25.02 -15.38
N LYS A 67 33.64 -24.55 -16.62
CA LYS A 67 33.37 -25.43 -17.76
C LYS A 67 34.56 -26.29 -18.20
N GLY A 68 35.77 -26.01 -17.71
CA GLY A 68 36.93 -26.80 -18.04
C GLY A 68 37.88 -26.17 -19.05
N TYR A 69 37.40 -25.33 -19.94
CA TYR A 69 38.27 -24.76 -20.98
C TYR A 69 38.51 -23.27 -20.80
N ARG A 70 38.13 -22.69 -19.67
CA ARG A 70 38.23 -21.26 -19.46
C ARG A 70 39.08 -20.97 -18.23
N HIS A 71 39.64 -19.76 -18.20
CA HIS A 71 40.46 -19.33 -17.09
C HIS A 71 39.63 -19.25 -15.81
N PRO A 72 40.16 -19.72 -14.68
CA PRO A 72 39.39 -19.65 -13.42
C PRO A 72 38.93 -18.26 -13.06
N ALA A 73 39.75 -17.23 -13.34
CA ALA A 73 39.35 -15.87 -12.97
C ALA A 73 38.18 -15.40 -13.82
N LEU A 74 38.17 -15.77 -15.09
CA LEU A 74 37.05 -15.41 -15.97
C LEU A 74 35.75 -16.07 -15.51
N GLU A 75 35.84 -17.33 -15.06
CA GLU A 75 34.65 -18.03 -14.59
C GLU A 75 34.10 -17.36 -13.33
N ALA A 76 34.99 -16.94 -12.42
CA ALA A 76 34.52 -16.30 -11.20
C ALA A 76 33.87 -14.96 -11.49
N ARG A 77 34.45 -14.19 -12.40
CA ARG A 77 33.88 -12.90 -12.78
C ARG A 77 32.50 -13.09 -13.39
N LEU A 78 32.35 -14.10 -14.24
CA LEU A 78 31.07 -14.37 -14.84
C LEU A 78 30.03 -14.76 -13.79
N GLY A 79 30.40 -15.70 -12.91
CA GLY A 79 29.45 -16.12 -11.89
C GLY A 79 29.04 -14.99 -10.98
N ARG A 80 30.00 -14.15 -10.59
CA ARG A 80 29.67 -13.00 -9.74
C ARG A 80 28.72 -12.05 -10.46
N ARG A 81 29.01 -11.73 -11.71
CA ARG A 81 28.18 -10.75 -12.42
C ARG A 81 26.74 -11.22 -12.51
N ARG A 82 26.52 -12.47 -12.92
CA ARG A 82 25.15 -12.95 -13.09
C ARG A 82 24.44 -13.19 -11.75
N THR A 83 25.19 -13.60 -10.73
CA THR A 83 24.57 -13.78 -9.42
C THR A 83 24.11 -12.43 -8.87
N VAL A 84 24.97 -11.42 -8.94
CA VAL A 84 24.60 -10.07 -8.51
C VAL A 84 23.40 -9.56 -9.30
N GLN A 85 23.44 -9.69 -10.64
CA GLN A 85 22.30 -9.19 -11.42
C GLN A 85 21.01 -9.87 -11.02
N GLU A 86 21.05 -11.18 -10.81
CA GLU A 86 19.81 -11.88 -10.46
C GLU A 86 19.30 -11.45 -9.10
N ALA A 87 20.18 -11.35 -8.10
CA ALA A 87 19.73 -10.90 -6.78
C ALA A 87 19.09 -9.53 -6.86
N ARG A 88 19.71 -8.60 -7.61
CA ARG A 88 19.15 -7.26 -7.76
C ARG A 88 17.78 -7.30 -8.44
N ALA A 89 17.64 -8.10 -9.49
CA ALA A 89 16.37 -8.17 -10.21
C ALA A 89 15.25 -8.74 -9.34
N LEU A 90 15.57 -9.74 -8.54
CA LEU A 90 14.55 -10.38 -7.73
C LEU A 90 14.08 -9.43 -6.63
N LEU A 91 14.98 -8.63 -6.08
CA LEU A 91 14.56 -7.57 -5.16
C LEU A 91 13.65 -6.58 -5.87
N ARG A 92 14.06 -6.12 -7.05
CA ARG A 92 13.25 -5.17 -7.80
C ARG A 92 11.86 -5.75 -8.09
N CYS A 93 11.81 -7.04 -8.46
CA CYS A 93 10.55 -7.71 -8.68
C CYS A 93 9.67 -7.65 -7.44
N ARG A 94 10.20 -8.10 -6.30
CA ARG A 94 9.39 -8.19 -5.08
C ARG A 94 8.85 -6.82 -4.69
N ARG A 95 9.71 -5.79 -4.72
CA ARG A 95 9.25 -4.47 -4.32
C ARG A 95 8.26 -3.88 -5.30
N ALA A 96 8.25 -4.37 -6.54
CA ALA A 96 7.29 -3.87 -7.52
C ALA A 96 6.05 -4.75 -7.64
N GLY A 97 5.93 -5.80 -6.81
CA GLY A 97 4.79 -6.69 -6.91
C GLY A 97 4.77 -7.55 -8.14
N ILE A 98 5.93 -7.81 -8.72
CA ILE A 98 6.08 -8.78 -9.79
C ILE A 98 6.46 -10.10 -9.15
N SER A 99 5.65 -11.13 -9.39
CA SER A 99 5.85 -12.38 -8.69
C SER A 99 7.07 -13.10 -9.26
N ALA A 100 7.95 -13.51 -8.36
CA ALA A 100 9.25 -14.10 -8.64
C ALA A 100 9.76 -14.69 -7.33
N PRO A 101 10.73 -15.61 -7.36
CA PRO A 101 11.16 -16.27 -6.11
C PRO A 101 11.73 -15.30 -5.10
N VAL A 102 11.41 -15.54 -3.82
CA VAL A 102 12.08 -14.87 -2.71
C VAL A 102 13.53 -15.31 -2.65
N VAL A 103 14.44 -14.35 -2.45
CA VAL A 103 15.85 -14.62 -2.20
C VAL A 103 16.06 -14.84 -0.72
N PHE A 104 16.65 -15.98 -0.36
CA PHE A 104 16.96 -16.28 1.04
C PHE A 104 18.37 -15.85 1.42
N PHE A 105 19.34 -16.09 0.54
CA PHE A 105 20.74 -15.90 0.88
C PHE A 105 21.53 -15.92 -0.42
N VAL A 106 22.51 -15.03 -0.53
CA VAL A 106 23.39 -14.99 -1.69
C VAL A 106 24.82 -15.13 -1.20
N ASP A 107 25.48 -16.17 -1.64
CA ASP A 107 26.84 -16.51 -1.21
C ASP A 107 27.80 -16.03 -2.27
N TYR A 108 28.43 -14.89 -2.04
CA TYR A 108 29.37 -14.33 -3.00
C TYR A 108 30.76 -14.94 -2.91
N ALA A 109 31.03 -15.73 -1.88
CA ALA A 109 32.27 -16.50 -1.88
C ALA A 109 32.24 -17.56 -2.96
N SER A 110 31.11 -18.21 -3.16
CA SER A 110 30.98 -19.25 -4.17
C SER A 110 30.08 -18.84 -5.33
N ASN A 111 29.46 -17.66 -5.27
CA ASN A 111 28.49 -17.23 -6.29
C ASN A 111 27.34 -18.23 -6.44
N CYS A 112 26.69 -18.49 -5.30
CA CYS A 112 25.54 -19.36 -5.20
C CYS A 112 24.35 -18.56 -4.69
N LEU A 113 23.21 -18.75 -5.31
CA LEU A 113 21.99 -18.03 -5.01
C LEU A 113 20.98 -19.02 -4.42
N TYR A 114 20.56 -18.78 -3.16
CA TYR A 114 19.56 -19.60 -2.47
C TYR A 114 18.22 -18.88 -2.51
N MET A 115 17.20 -19.50 -3.09
CA MET A 115 15.92 -18.83 -3.21
C MET A 115 14.79 -19.83 -3.05
N GLU A 116 13.59 -19.29 -2.91
CA GLU A 116 12.40 -20.09 -2.69
C GLU A 116 12.16 -21.04 -3.85
N GLU A 117 11.86 -22.31 -3.54
CA GLU A 117 11.39 -23.25 -4.56
C GLU A 117 9.91 -22.98 -4.85
N ILE A 118 9.56 -22.87 -6.13
CA ILE A 118 8.16 -22.70 -6.53
C ILE A 118 7.60 -24.12 -6.67
N GLU A 119 7.13 -24.65 -5.55
CA GLU A 119 6.88 -26.09 -5.41
C GLU A 119 5.73 -26.56 -6.30
N GLY A 120 5.93 -27.71 -6.93
CA GLY A 120 4.87 -28.28 -7.75
C GLY A 120 4.51 -27.49 -8.98
N SER A 121 5.35 -26.56 -9.42
CA SER A 121 4.99 -25.73 -10.57
C SER A 121 5.36 -26.40 -11.90
N VAL A 122 4.74 -25.92 -12.98
CA VAL A 122 5.11 -26.36 -14.32
C VAL A 122 5.55 -25.16 -15.13
N THR A 123 6.47 -25.38 -16.08
CA THR A 123 6.87 -24.26 -16.93
C THR A 123 5.74 -23.93 -17.90
N VAL A 124 5.66 -22.66 -18.28
CA VAL A 124 4.72 -22.26 -19.32
C VAL A 124 4.96 -23.07 -20.58
N ARG A 125 6.23 -23.33 -20.90
CA ARG A 125 6.57 -24.19 -22.03
C ARG A 125 5.85 -25.54 -21.95
N ASP A 126 6.00 -26.23 -20.82
CA ASP A 126 5.37 -27.55 -20.69
C ASP A 126 3.85 -27.45 -20.69
N TYR A 127 3.32 -26.40 -20.06
CA TYR A 127 1.88 -26.25 -20.02
C TYR A 127 1.30 -26.02 -21.41
N ILE A 128 1.97 -25.20 -22.24
CA ILE A 128 1.48 -24.97 -23.59
C ILE A 128 1.57 -26.24 -24.42
N GLN A 129 2.67 -26.98 -24.29
CA GLN A 129 2.83 -28.20 -25.09
C GLN A 129 1.79 -29.24 -24.69
N SER A 130 1.52 -29.35 -23.39
CA SER A 130 0.53 -30.33 -22.96
C SER A 130 -0.86 -29.93 -23.46
N THR A 131 -1.18 -28.63 -23.38
CA THR A 131 -2.48 -28.16 -23.87
C THR A 131 -2.63 -28.39 -25.36
N MET A 132 -1.57 -28.12 -26.13
CA MET A 132 -1.63 -28.32 -27.57
C MET A 132 -1.75 -29.80 -27.94
N GLU A 133 -1.23 -30.70 -27.11
CA GLU A 133 -1.31 -32.12 -27.43
C GLU A 133 -2.60 -32.76 -26.96
N THR A 134 -3.29 -32.15 -26.00
CA THR A 134 -4.61 -32.59 -25.58
C THR A 134 -5.74 -31.95 -26.40
N GLU A 135 -5.64 -30.66 -26.68
CA GLU A 135 -6.74 -29.93 -27.30
C GLU A 135 -6.54 -29.65 -28.78
N LYS A 136 -5.29 -29.73 -29.27
CA LYS A 136 -4.96 -29.57 -30.68
C LYS A 136 -5.29 -28.17 -31.20
N THR A 137 -5.79 -27.31 -30.32
CA THR A 137 -6.19 -25.94 -30.61
C THR A 137 -5.55 -25.01 -29.59
N PRO A 138 -5.02 -23.87 -30.03
CA PRO A 138 -4.52 -22.86 -29.09
C PRO A 138 -5.58 -21.92 -28.55
N GLN A 139 -6.86 -22.14 -28.91
CA GLN A 139 -7.93 -21.24 -28.50
C GLN A 139 -8.02 -21.12 -26.98
N GLY A 140 -7.76 -22.21 -26.26
CA GLY A 140 -7.84 -22.23 -24.82
C GLY A 140 -6.68 -21.60 -24.09
N LEU A 141 -5.68 -21.09 -24.81
CA LEU A 141 -4.52 -20.45 -24.20
C LEU A 141 -4.64 -18.93 -24.14
N SER A 142 -5.82 -18.39 -24.45
CA SER A 142 -5.95 -16.94 -24.52
C SER A 142 -5.79 -16.30 -23.16
N ASN A 143 -6.38 -16.93 -22.12
CA ASN A 143 -6.23 -16.37 -20.77
C ASN A 143 -4.77 -16.38 -20.33
N LEU A 144 -4.05 -17.47 -20.63
CA LEU A 144 -2.64 -17.51 -20.28
C LEU A 144 -1.89 -16.38 -20.95
N ALA A 145 -2.15 -16.17 -22.25
CA ALA A 145 -1.50 -15.09 -22.98
C ALA A 145 -1.81 -13.73 -22.36
N LYS A 146 -3.06 -13.50 -21.97
CA LYS A 146 -3.40 -12.21 -21.38
C LYS A 146 -2.67 -11.99 -20.07
N THR A 147 -2.55 -13.03 -19.25
CA THR A 147 -1.82 -12.91 -17.98
C THR A 147 -0.36 -12.60 -18.20
N ILE A 148 0.29 -13.33 -19.11
CA ILE A 148 1.69 -13.06 -19.43
C ILE A 148 1.86 -11.61 -19.90
N GLY A 149 0.94 -11.14 -20.74
CA GLY A 149 0.99 -9.75 -21.19
C GLY A 149 0.95 -8.77 -20.03
N GLN A 150 0.09 -9.04 -19.04
CA GLN A 150 0.00 -8.15 -17.88
C GLN A 150 1.28 -8.19 -17.05
N VAL A 151 1.83 -9.39 -16.85
CA VAL A 151 3.03 -9.57 -16.03
C VAL A 151 4.24 -8.88 -16.67
N LEU A 152 4.48 -9.13 -17.96
CA LEU A 152 5.66 -8.54 -18.61
C LEU A 152 5.50 -7.03 -18.80
N ALA A 153 4.27 -6.54 -19.00
CA ALA A 153 4.05 -5.09 -19.00
C ALA A 153 4.49 -4.47 -17.68
N ARG A 154 4.14 -5.09 -16.55
CA ARG A 154 4.57 -4.57 -15.25
C ARG A 154 6.09 -4.63 -15.09
N MET A 155 6.72 -5.70 -15.55
CA MET A 155 8.16 -5.82 -15.45
C MET A 155 8.86 -4.72 -16.26
N HIS A 156 8.45 -4.54 -17.52
CA HIS A 156 9.06 -3.51 -18.36
C HIS A 156 8.75 -2.11 -17.85
N ASP A 157 7.57 -1.89 -17.28
CA ASP A 157 7.27 -0.58 -16.71
C ASP A 157 8.16 -0.27 -15.50
N GLU A 158 8.73 -1.28 -14.86
CA GLU A 158 9.77 -1.07 -13.87
C GLU A 158 11.16 -1.00 -14.52
N ASP A 159 11.21 -0.91 -15.86
CA ASP A 159 12.46 -0.82 -16.60
C ASP A 159 13.38 -2.00 -16.35
N LEU A 160 12.79 -3.16 -16.04
CA LEU A 160 13.56 -4.39 -15.84
C LEU A 160 13.50 -5.21 -17.13
N ILE A 161 14.66 -5.43 -17.74
CA ILE A 161 14.79 -6.26 -18.93
C ILE A 161 15.17 -7.66 -18.46
N HIS A 162 14.35 -8.67 -18.80
CA HIS A 162 14.63 -10.01 -18.28
C HIS A 162 15.91 -10.57 -18.89
N GLY A 163 16.07 -10.46 -20.20
CA GLY A 163 17.27 -10.88 -20.89
C GLY A 163 17.21 -12.30 -21.42
N ASP A 164 16.28 -13.12 -20.95
CA ASP A 164 16.21 -14.51 -21.38
C ASP A 164 14.74 -14.95 -21.39
N LEU A 165 13.88 -14.14 -22.00
CA LEU A 165 12.43 -14.32 -21.91
C LEU A 165 11.98 -15.45 -22.83
N THR A 166 11.91 -16.66 -22.30
CA THR A 166 11.34 -17.79 -23.03
C THR A 166 10.21 -18.37 -22.19
N THR A 167 9.45 -19.28 -22.80
CA THR A 167 8.40 -19.92 -22.02
C THR A 167 8.96 -20.91 -21.01
N SER A 168 10.27 -21.16 -21.00
CA SER A 168 10.85 -21.98 -19.94
C SER A 168 11.17 -21.19 -18.69
N ASN A 169 11.21 -19.87 -18.76
CA ASN A 169 11.55 -19.03 -17.61
C ASN A 169 10.32 -18.36 -17.01
N MET A 170 9.15 -18.96 -17.24
CA MET A 170 7.93 -18.57 -16.57
C MET A 170 7.31 -19.83 -15.99
N LEU A 171 7.00 -19.82 -14.69
CA LEU A 171 6.42 -20.96 -14.03
C LEU A 171 4.96 -20.70 -13.74
N LEU A 172 4.17 -21.77 -13.68
CA LEU A 172 2.78 -21.70 -13.25
C LEU A 172 2.71 -22.35 -11.88
N LYS A 173 2.41 -21.56 -10.87
CA LYS A 173 2.34 -22.09 -9.52
C LYS A 173 0.95 -22.68 -9.28
N PRO A 174 0.91 -23.89 -8.66
CA PRO A 174 -0.41 -24.52 -8.45
C PRO A 174 -1.25 -23.75 -7.52
N PRO A 175 -2.61 -23.85 -7.64
CA PRO A 175 -3.35 -24.70 -8.57
C PRO A 175 -3.22 -24.18 -9.99
N LEU A 176 -2.96 -25.11 -10.92
CA LEU A 176 -2.36 -24.71 -12.20
C LEU A 176 -3.31 -23.79 -12.95
N GLU A 177 -4.60 -24.10 -12.92
CA GLU A 177 -5.54 -23.36 -13.75
C GLU A 177 -5.86 -21.96 -13.19
N GLN A 178 -5.30 -21.57 -12.03
CA GLN A 178 -5.39 -20.16 -11.65
C GLN A 178 -4.44 -19.28 -12.46
N LEU A 179 -3.55 -19.87 -13.25
CA LEU A 179 -2.57 -19.13 -14.05
C LEU A 179 -1.79 -18.14 -13.18
N ASN A 180 -1.11 -18.69 -12.16
CA ASN A 180 -0.25 -17.92 -11.26
C ASN A 180 1.14 -17.92 -11.85
N ILE A 181 1.45 -16.87 -12.62
CA ILE A 181 2.73 -16.78 -13.32
C ILE A 181 3.81 -16.32 -12.34
N VAL A 182 4.94 -17.01 -12.34
CA VAL A 182 6.09 -16.65 -11.54
C VAL A 182 7.30 -16.55 -12.47
N LEU A 183 7.96 -15.40 -12.50
CA LEU A 183 9.12 -15.22 -13.37
C LEU A 183 10.36 -15.78 -12.69
N ILE A 184 11.27 -16.40 -13.47
CA ILE A 184 12.50 -16.96 -12.92
C ILE A 184 13.67 -16.63 -13.83
N ASP A 185 14.88 -16.85 -13.30
CA ASP A 185 16.15 -16.87 -14.06
C ASP A 185 16.47 -15.50 -14.67
N PHE A 186 16.83 -14.59 -13.76
CA PHE A 186 17.17 -13.21 -14.07
C PHE A 186 18.69 -12.98 -14.19
N GLY A 187 19.48 -14.02 -14.46
CA GLY A 187 20.93 -13.89 -14.52
C GLY A 187 21.42 -13.03 -15.68
N LEU A 188 20.62 -12.89 -16.75
CA LEU A 188 20.98 -12.02 -17.86
C LEU A 188 20.20 -10.72 -17.87
N SER A 189 19.51 -10.40 -16.77
CA SER A 189 18.68 -9.21 -16.71
C SER A 189 19.52 -7.92 -16.53
N PHE A 190 18.91 -6.80 -16.86
CA PHE A 190 19.50 -5.51 -16.56
C PHE A 190 18.39 -4.46 -16.55
N ILE A 191 18.73 -3.23 -16.14
CA ILE A 191 17.78 -2.14 -16.02
C ILE A 191 17.92 -1.25 -17.24
N SER A 192 16.82 -1.02 -17.94
CA SER A 192 16.86 -0.07 -19.05
C SER A 192 15.45 0.44 -19.37
N ALA A 193 15.35 1.75 -19.62
CA ALA A 193 14.11 2.36 -20.08
C ALA A 193 14.01 2.45 -21.59
N LEU A 194 15.03 1.98 -22.32
CA LEU A 194 15.07 2.18 -23.77
C LEU A 194 14.08 1.24 -24.44
N PRO A 195 13.21 1.74 -25.31
CA PRO A 195 12.30 0.85 -26.04
C PRO A 195 13.05 -0.23 -26.82
N GLU A 196 14.26 0.04 -27.30
CA GLU A 196 14.95 -1.00 -28.05
C GLU A 196 15.26 -2.21 -27.17
N ASP A 197 15.72 -1.98 -25.94
CA ASP A 197 16.02 -3.10 -25.05
C ASP A 197 14.75 -3.88 -24.71
N LYS A 198 13.65 -3.17 -24.46
CA LYS A 198 12.38 -3.84 -24.21
C LYS A 198 11.93 -4.57 -25.47
N GLY A 199 12.19 -3.97 -26.65
CA GLY A 199 11.81 -4.63 -27.89
C GLY A 199 12.57 -5.91 -28.12
N VAL A 200 13.88 -5.92 -27.83
CA VAL A 200 14.68 -7.14 -27.96
C VAL A 200 14.21 -8.21 -26.97
N ASP A 201 13.87 -7.81 -25.74
CA ASP A 201 13.27 -8.73 -24.79
C ASP A 201 12.06 -9.46 -25.39
N LEU A 202 11.09 -8.71 -25.94
CA LEU A 202 9.91 -9.34 -26.53
C LEU A 202 10.26 -10.19 -27.75
N TYR A 203 11.30 -9.80 -28.50
CA TYR A 203 11.69 -10.56 -29.68
C TYR A 203 12.20 -11.96 -29.30
N VAL A 204 12.99 -12.07 -28.24
CA VAL A 204 13.43 -13.38 -27.77
C VAL A 204 12.22 -14.25 -27.43
N LEU A 205 11.22 -13.67 -26.76
CA LEU A 205 10.00 -14.40 -26.44
C LEU A 205 9.23 -14.79 -27.70
N GLU A 206 9.15 -13.87 -28.69
CA GLU A 206 8.46 -14.23 -29.93
C GLU A 206 9.12 -15.44 -30.57
N LYS A 207 10.45 -15.43 -30.65
CA LYS A 207 11.17 -16.53 -31.28
C LYS A 207 10.96 -17.83 -30.51
N ALA A 208 10.87 -17.74 -29.18
CA ALA A 208 10.60 -18.95 -28.41
C ALA A 208 9.22 -19.51 -28.71
N PHE A 209 8.20 -18.64 -28.82
CA PHE A 209 6.90 -19.14 -29.23
C PHE A 209 6.98 -19.77 -30.62
N LEU A 210 7.61 -19.08 -31.57
CA LEU A 210 7.63 -19.58 -32.94
C LEU A 210 8.42 -20.88 -33.06
N SER A 211 9.57 -21.00 -32.38
CA SER A 211 10.31 -22.21 -32.66
C SER A 211 9.93 -23.35 -31.70
N THR A 212 9.53 -23.04 -30.46
CA THR A 212 9.21 -24.08 -29.48
C THR A 212 7.73 -24.45 -29.50
N HIS A 213 6.83 -23.54 -29.87
CA HIS A 213 5.37 -23.76 -29.90
C HIS A 213 4.77 -23.45 -31.28
N PRO A 214 5.13 -24.22 -32.31
CA PRO A 214 4.61 -23.90 -33.65
C PRO A 214 3.08 -23.91 -33.67
N ASN A 215 2.51 -23.11 -34.57
CA ASN A 215 1.07 -22.94 -34.70
C ASN A 215 0.44 -22.40 -33.42
N THR A 216 1.10 -21.42 -32.79
CA THR A 216 0.51 -20.70 -31.67
C THR A 216 0.57 -19.20 -31.88
N GLU A 217 0.46 -18.75 -33.14
CA GLU A 217 0.60 -17.33 -33.43
C GLU A 217 -0.51 -16.51 -32.78
N THR A 218 -1.76 -17.00 -32.83
CA THR A 218 -2.85 -16.41 -32.05
C THR A 218 -2.47 -16.20 -30.59
N VAL A 219 -1.77 -17.16 -29.99
CA VAL A 219 -1.35 -17.00 -28.59
C VAL A 219 -0.43 -15.80 -28.43
N PHE A 220 0.59 -15.69 -29.30
CA PHE A 220 1.49 -14.54 -29.18
C PHE A 220 0.76 -13.25 -29.52
N GLU A 221 -0.14 -13.29 -30.50
CA GLU A 221 -0.92 -12.11 -30.84
C GLU A 221 -1.71 -11.60 -29.63
N ALA A 222 -2.36 -12.51 -28.91
CA ALA A 222 -3.11 -12.11 -27.72
C ALA A 222 -2.19 -11.61 -26.62
N PHE A 223 -0.97 -12.16 -26.53
CA PHE A 223 0.00 -11.61 -25.61
C PHE A 223 0.30 -10.14 -25.92
N LEU A 224 0.61 -9.85 -27.19
CA LEU A 224 0.92 -8.48 -27.60
C LEU A 224 -0.25 -7.55 -27.33
N LYS A 225 -1.47 -8.00 -27.61
CA LYS A 225 -2.64 -7.20 -27.32
C LYS A 225 -2.70 -6.86 -25.82
N SER A 226 -2.48 -7.85 -24.96
CA SER A 226 -2.61 -7.59 -23.53
C SER A 226 -1.46 -6.72 -23.03
N TYR A 227 -0.25 -6.96 -23.53
CA TYR A 227 0.90 -6.13 -23.20
C TYR A 227 0.63 -4.67 -23.55
N SER A 228 0.10 -4.42 -24.75
CA SER A 228 -0.15 -3.06 -25.20
C SER A 228 -1.21 -2.37 -24.36
N THR A 229 -2.23 -3.14 -23.95
CA THR A 229 -3.26 -2.62 -23.05
C THR A 229 -2.70 -2.29 -21.68
N SER A 230 -1.78 -3.11 -21.19
CA SER A 230 -1.33 -3.05 -19.83
C SER A 230 -0.23 -2.03 -19.58
N SER A 231 0.58 -1.72 -20.60
CA SER A 231 1.68 -0.77 -20.45
C SER A 231 1.39 0.48 -21.26
N LYS A 232 1.46 1.64 -20.61
CA LYS A 232 1.29 2.90 -21.33
C LYS A 232 2.47 3.19 -22.25
N LYS A 233 3.61 2.50 -22.06
CA LYS A 233 4.79 2.77 -22.87
C LYS A 233 5.01 1.71 -23.95
N ALA A 234 3.98 0.91 -24.27
CA ALA A 234 4.16 -0.21 -25.18
C ALA A 234 4.35 0.23 -26.64
N ARG A 235 3.75 1.35 -27.05
CA ARG A 235 3.78 1.69 -28.48
C ARG A 235 5.20 1.79 -29.04
N PRO A 236 6.14 2.54 -28.46
CA PRO A 236 7.49 2.54 -29.02
C PRO A 236 8.22 1.22 -28.88
N VAL A 237 7.86 0.40 -27.88
CA VAL A 237 8.47 -0.92 -27.72
C VAL A 237 8.07 -1.83 -28.88
N LEU A 238 6.78 -1.81 -29.25
CA LEU A 238 6.34 -2.67 -30.34
C LEU A 238 6.89 -2.20 -31.68
N LYS A 239 7.18 -0.90 -31.82
CA LYS A 239 7.84 -0.43 -33.03
C LYS A 239 9.27 -0.94 -33.10
N LYS A 240 9.97 -0.96 -31.96
CA LYS A 240 11.32 -1.51 -31.94
C LYS A 240 11.31 -3.02 -32.19
N LEU A 241 10.30 -3.72 -31.67
CA LEU A 241 10.19 -5.14 -31.95
C LEU A 241 10.13 -5.41 -33.45
N ASP A 242 9.36 -4.60 -34.18
CA ASP A 242 9.33 -4.73 -35.63
C ASP A 242 10.71 -4.50 -36.25
N GLU A 243 11.43 -3.47 -35.76
CA GLU A 243 12.72 -3.14 -36.34
C GLU A 243 13.78 -4.20 -36.07
N VAL A 244 13.86 -4.72 -34.84
CA VAL A 244 14.91 -5.69 -34.51
C VAL A 244 14.69 -7.00 -35.25
N ARG A 245 13.43 -7.36 -35.50
CA ARG A 245 13.13 -8.54 -36.31
C ARG A 245 13.74 -8.41 -37.71
N LEU A 246 13.64 -7.23 -38.30
CA LEU A 246 14.19 -7.03 -39.62
C LEU A 246 15.72 -7.02 -39.59
N ARG A 247 16.31 -6.20 -38.72
CA ARG A 247 17.77 -6.17 -38.53
C ARG A 247 18.24 -7.38 -37.73
N GLY A 248 17.97 -8.56 -38.27
CA GLY A 248 18.23 -9.83 -37.59
C GLY A 248 19.66 -10.03 -37.11
N PRO B 2 14.34 -29.90 28.64
CA PRO B 2 12.90 -29.97 28.41
C PRO B 2 12.25 -28.61 28.53
N HIS B 3 12.46 -27.74 27.54
CA HIS B 3 12.41 -26.32 27.83
C HIS B 3 11.85 -25.54 26.66
N MET B 4 11.69 -24.23 26.89
CA MET B 4 11.08 -23.29 25.99
C MET B 4 12.02 -22.79 24.90
N GLN B 5 13.31 -23.12 24.98
CA GLN B 5 14.25 -22.72 23.94
CA GLN B 5 14.23 -22.70 23.94
C GLN B 5 13.81 -23.27 22.59
N LEU B 6 14.14 -22.53 21.53
CA LEU B 6 14.00 -23.01 20.17
C LEU B 6 15.40 -23.05 19.58
N THR B 7 15.82 -24.22 19.10
CA THR B 7 17.16 -24.35 18.54
C THR B 7 17.08 -24.95 17.15
N HIS B 8 17.98 -24.50 16.28
CA HIS B 8 18.06 -25.04 14.93
C HIS B 8 19.53 -25.12 14.54
N GLN B 9 19.91 -26.19 13.84
CA GLN B 9 21.23 -26.22 13.21
C GLN B 9 21.22 -25.36 11.94
N LEU B 10 22.37 -24.81 11.62
CA LEU B 10 22.48 -24.10 10.34
C LEU B 10 22.74 -25.12 9.24
N ASP B 11 21.92 -25.09 8.20
CA ASP B 11 22.05 -26.09 7.13
C ASP B 11 23.40 -25.99 6.44
N LEU B 12 23.89 -24.77 6.23
CA LEU B 12 25.15 -24.60 5.53
C LEU B 12 26.37 -24.69 6.45
N PHE B 13 26.16 -24.63 7.77
CA PHE B 13 27.23 -24.75 8.77
C PHE B 13 26.76 -25.76 9.82
N PRO B 14 26.76 -27.06 9.49
CA PRO B 14 26.07 -28.04 10.33
C PRO B 14 26.67 -28.16 11.73
N GLU B 15 27.85 -27.63 11.98
CA GLU B 15 28.43 -27.65 13.32
C GLU B 15 27.95 -26.48 14.18
N CYS B 16 27.16 -25.56 13.61
CA CYS B 16 26.62 -24.44 14.36
C CYS B 16 25.16 -24.67 14.71
N ARG B 17 24.81 -24.35 15.94
CA ARG B 17 23.43 -24.40 16.39
C ARG B 17 23.04 -23.02 16.88
N VAL B 18 21.90 -22.53 16.38
CA VAL B 18 21.35 -21.24 16.78
C VAL B 18 20.28 -21.50 17.83
N THR B 19 20.31 -20.75 18.92
CA THR B 19 19.32 -20.86 19.98
C THR B 19 18.57 -19.56 20.12
N LEU B 20 17.24 -19.64 20.28
CA LEU B 20 16.40 -18.48 20.54
C LEU B 20 15.73 -18.65 21.90
N LEU B 21 15.76 -17.58 22.69
CA LEU B 21 15.10 -17.50 24.00
C LEU B 21 14.29 -16.22 24.03
N LEU B 22 13.03 -16.33 24.44
CA LEU B 22 12.13 -15.18 24.43
C LEU B 22 11.71 -14.87 25.85
N PHE B 23 11.64 -13.59 26.20
CA PHE B 23 11.31 -13.18 27.55
C PHE B 23 10.28 -12.07 27.54
N LYS B 24 9.31 -12.13 28.45
CA LYS B 24 8.40 -11.02 28.65
C LYS B 24 8.56 -10.44 30.05
N ASP B 25 7.93 -9.27 30.26
CA ASP B 25 7.91 -8.58 31.56
C ASP B 25 9.33 -8.35 32.09
N VAL B 26 10.26 -8.01 31.18
CA VAL B 26 11.64 -7.76 31.57
C VAL B 26 11.73 -6.42 32.29
N LYS B 27 12.47 -6.41 33.40
CA LYS B 27 12.57 -5.22 34.22
C LYS B 27 14.00 -4.67 34.28
N ASN B 28 14.97 -5.35 33.68
CA ASN B 28 16.36 -4.92 33.77
C ASN B 28 16.97 -4.81 32.40
N ALA B 29 16.19 -4.34 31.41
CA ALA B 29 16.69 -4.24 30.05
C ALA B 29 17.89 -3.28 29.95
N GLY B 30 17.90 -2.22 30.75
CA GLY B 30 19.03 -1.31 30.74
C GLY B 30 20.31 -1.98 31.19
N ASP B 31 20.24 -2.74 32.29
CA ASP B 31 21.39 -3.51 32.74
C ASP B 31 21.83 -4.50 31.67
N LEU B 32 20.86 -5.16 31.02
CA LEU B 32 21.20 -6.16 29.99
C LEU B 32 21.94 -5.52 28.82
N ARG B 33 21.44 -4.37 28.35
CA ARG B 33 22.11 -3.66 27.26
C ARG B 33 23.54 -3.30 27.65
N ARG B 34 23.73 -2.81 28.88
CA ARG B 34 25.08 -2.47 29.33
C ARG B 34 25.97 -3.71 29.39
N LYS B 35 25.44 -4.82 29.92
CA LYS B 35 26.24 -6.04 29.99
C LYS B 35 26.66 -6.53 28.60
N ALA B 36 25.75 -6.44 27.62
CA ALA B 36 26.13 -6.84 26.26
C ALA B 36 27.29 -6.00 25.75
N MET B 37 27.25 -4.69 26.03
CA MET B 37 28.35 -3.83 25.60
C MET B 37 29.64 -4.14 26.33
N GLU B 38 29.55 -4.55 27.59
CA GLU B 38 30.72 -4.96 28.36
C GLU B 38 31.12 -6.41 28.09
N GLY B 39 30.38 -7.12 27.25
CA GLY B 39 30.72 -8.50 26.94
C GLY B 39 30.45 -9.50 28.06
N THR B 40 29.68 -9.13 29.08
CA THR B 40 29.36 -10.01 30.20
C THR B 40 28.02 -10.72 30.09
N ILE B 41 27.31 -10.57 28.98
CA ILE B 41 26.18 -11.43 28.65
C ILE B 41 26.36 -11.95 27.24
N ASP B 42 26.04 -13.23 27.05
CA ASP B 42 26.21 -13.87 25.76
C ASP B 42 24.98 -13.65 24.88
N GLY B 43 25.22 -13.48 23.58
CA GLY B 43 24.18 -13.48 22.57
C GLY B 43 23.83 -12.08 22.08
N SER B 44 22.99 -12.08 21.06
CA SER B 44 22.40 -10.86 20.52
C SER B 44 21.10 -10.60 21.25
N LEU B 45 20.95 -9.40 21.79
CA LEU B 45 19.72 -9.01 22.45
C LEU B 45 18.88 -8.26 21.41
N ILE B 46 17.74 -8.83 21.04
CA ILE B 46 16.97 -8.36 19.89
C ILE B 46 15.58 -7.96 20.34
N ASN B 47 15.05 -6.90 19.74
CA ASN B 47 13.70 -6.42 20.02
C ASN B 47 12.67 -7.31 19.33
N PRO B 48 11.94 -8.14 20.08
CA PRO B 48 10.99 -9.05 19.42
C PRO B 48 9.78 -8.36 18.85
N THR B 49 9.53 -7.11 19.23
CA THR B 49 8.37 -6.41 18.67
C THR B 49 8.45 -6.31 17.16
N VAL B 50 9.65 -6.40 16.56
CA VAL B 50 9.80 -6.26 15.12
C VAL B 50 10.25 -7.58 14.48
N ILE B 51 10.12 -8.70 15.18
CA ILE B 51 10.47 -10.03 14.64
C ILE B 51 9.19 -10.78 14.31
N VAL B 52 9.00 -11.09 13.03
CA VAL B 52 7.77 -11.69 12.57
C VAL B 52 7.80 -13.21 12.70
N ASP B 53 8.96 -13.82 12.64
CA ASP B 53 9.06 -15.27 12.54
C ASP B 53 10.47 -15.70 12.84
N PRO B 54 10.69 -16.87 13.44
CA PRO B 54 12.07 -17.34 13.66
C PRO B 54 12.88 -17.47 12.39
N PHE B 55 12.24 -17.74 11.24
CA PHE B 55 12.99 -17.81 9.98
C PHE B 55 13.76 -16.51 9.72
N GLN B 56 13.16 -15.38 10.07
CA GLN B 56 13.84 -14.09 9.93
C GLN B 56 15.16 -14.08 10.71
N ILE B 57 15.15 -14.66 11.92
CA ILE B 57 16.35 -14.75 12.74
C ILE B 57 17.35 -15.71 12.13
N LEU B 58 16.88 -16.86 11.61
CA LEU B 58 17.81 -17.87 11.09
C LEU B 58 18.50 -17.40 9.82
N VAL B 59 17.79 -16.67 8.96
CA VAL B 59 18.41 -16.05 7.78
C VAL B 59 19.50 -15.08 8.21
N ALA B 60 19.19 -14.21 9.19
CA ALA B 60 20.17 -13.26 9.68
C ALA B 60 21.37 -13.97 10.30
N ALA B 61 21.11 -15.04 11.05
CA ALA B 61 22.19 -15.78 11.68
C ALA B 61 23.06 -16.49 10.65
N ASN B 62 22.42 -17.10 9.65
CA ASN B 62 23.19 -17.77 8.61
C ASN B 62 24.18 -16.81 7.97
N LYS B 63 23.71 -15.63 7.57
CA LYS B 63 24.58 -14.66 6.94
C LYS B 63 25.69 -14.21 7.89
N ALA B 64 25.37 -14.02 9.17
CA ALA B 64 26.37 -13.55 10.13
C ALA B 64 27.48 -14.55 10.29
N VAL B 65 27.14 -15.84 10.41
CA VAL B 65 28.18 -16.87 10.55
C VAL B 65 29.03 -16.95 9.28
N HIS B 66 28.37 -16.88 8.11
CA HIS B 66 29.08 -16.91 6.83
C HIS B 66 30.17 -15.86 6.78
N LEU B 67 29.81 -14.59 7.04
CA LEU B 67 30.80 -13.52 6.99
C LEU B 67 31.77 -13.58 8.17
N TYR B 68 31.34 -14.07 9.34
CA TYR B 68 32.29 -14.27 10.43
C TYR B 68 33.42 -15.19 10.00
N LYS B 69 33.09 -16.33 9.38
CA LYS B 69 34.12 -17.28 8.99
C LYS B 69 34.97 -16.75 7.85
N LEU B 70 34.40 -15.91 6.98
CA LEU B 70 35.21 -15.32 5.93
C LEU B 70 36.05 -14.16 6.44
N GLY B 71 35.77 -13.67 7.66
CA GLY B 71 36.42 -12.47 8.15
C GLY B 71 35.96 -11.21 7.44
N LYS B 72 34.71 -11.17 7.00
CA LYS B 72 34.20 -10.05 6.20
C LYS B 72 32.90 -9.52 6.78
N MET B 73 32.79 -9.49 8.10
CA MET B 73 31.59 -8.94 8.73
C MET B 73 31.54 -7.43 8.54
N LYS B 74 30.32 -6.91 8.54
CA LYS B 74 30.16 -5.46 8.49
C LYS B 74 30.34 -4.83 9.87
N THR B 75 30.08 -5.56 10.95
CA THR B 75 30.15 -5.02 12.29
C THR B 75 31.26 -5.73 13.07
N ARG B 76 31.38 -5.37 14.35
CA ARG B 76 32.53 -5.75 15.17
C ARG B 76 32.47 -7.21 15.63
N THR B 77 31.29 -7.71 15.99
CA THR B 77 31.14 -9.02 16.59
C THR B 77 30.01 -9.78 15.91
N LEU B 78 30.04 -11.11 16.08
CA LEU B 78 28.93 -11.94 15.60
C LEU B 78 27.59 -11.47 16.17
N SER B 79 27.55 -11.09 17.45
CA SER B 79 26.25 -10.72 18.02
C SER B 79 25.72 -9.43 17.42
N THR B 80 26.59 -8.47 17.11
CA THR B 80 26.12 -7.28 16.40
C THR B 80 25.75 -7.61 14.96
N GLU B 81 26.46 -8.56 14.34
CA GLU B 81 26.20 -8.88 12.94
C GLU B 81 24.81 -9.45 12.74
N ILE B 82 24.39 -10.33 13.65
CA ILE B 82 23.04 -10.90 13.56
C ILE B 82 22.00 -9.78 13.59
N ILE B 83 22.16 -8.85 14.53
CA ILE B 83 21.22 -7.74 14.63
C ILE B 83 21.26 -6.88 13.38
N PHE B 84 22.46 -6.52 12.94
CA PHE B 84 22.56 -5.69 11.73
C PHE B 84 21.85 -6.35 10.55
N ASN B 85 21.99 -7.67 10.41
CA ASN B 85 21.44 -8.33 9.23
C ASN B 85 19.92 -8.26 9.18
N LEU B 86 19.26 -8.01 10.32
CA LEU B 86 17.81 -7.89 10.32
C LEU B 86 17.35 -6.62 9.64
N SER B 87 18.20 -5.59 9.60
CA SER B 87 17.76 -4.30 9.11
C SER B 87 17.61 -4.33 7.60
N PRO B 88 16.66 -3.58 7.04
CA PRO B 88 16.54 -3.49 5.57
C PRO B 88 17.60 -2.62 4.92
N ASN B 89 18.41 -1.88 5.66
CA ASN B 89 19.41 -1.02 5.01
C ASN B 89 20.76 -1.17 5.72
N ASN B 90 21.75 -0.41 5.25
CA ASN B 90 23.13 -0.67 5.60
C ASN B 90 23.68 0.31 6.64
N ASN B 91 22.82 1.10 7.25
CA ASN B 91 23.23 1.99 8.34
C ASN B 91 23.39 1.15 9.60
N ILE B 92 24.63 1.01 10.08
CA ILE B 92 24.91 0.09 11.18
C ILE B 92 24.34 0.62 12.49
N SER B 93 24.61 1.88 12.81
CA SER B 93 24.09 2.48 14.03
C SER B 93 22.57 2.44 14.09
N GLU B 94 21.91 2.73 12.96
CA GLU B 94 20.45 2.68 12.94
C GLU B 94 19.95 1.27 13.18
N ALA B 95 20.59 0.28 12.57
CA ALA B 95 20.15 -1.09 12.72
C ALA B 95 20.27 -1.55 14.17
N LEU B 96 21.43 -1.28 14.79
CA LEU B 96 21.64 -1.78 16.15
C LEU B 96 20.71 -1.09 17.13
N LYS B 97 20.26 0.13 16.81
CA LYS B 97 19.34 0.79 17.74
C LYS B 97 17.90 0.37 17.54
N LYS B 98 17.46 0.12 16.31
CA LYS B 98 16.04 -0.21 16.10
C LYS B 98 15.73 -1.68 16.29
N PHE B 99 16.69 -2.57 16.01
CA PHE B 99 16.49 -3.99 16.23
C PHE B 99 17.13 -4.50 17.52
N GLY B 100 17.98 -3.71 18.18
CA GLY B 100 18.48 -4.06 19.49
C GLY B 100 17.51 -3.66 20.59
N ILE B 101 17.93 -3.89 21.84
CA ILE B 101 17.08 -3.55 22.99
C ILE B 101 17.59 -2.28 23.64
N SER B 102 16.65 -1.54 24.22
CA SER B 102 16.94 -0.35 25.02
C SER B 102 16.30 -0.50 26.39
N ALA B 103 16.64 0.44 27.28
CA ALA B 103 16.20 0.36 28.68
C ALA B 103 14.68 0.38 28.82
N ASN B 104 13.94 0.92 27.86
CA ASN B 104 12.50 0.97 28.00
C ASN B 104 11.79 -0.17 27.25
N ASP B 105 12.50 -1.24 26.89
CA ASP B 105 11.89 -2.48 26.42
C ASP B 105 11.53 -3.40 27.58
N THR B 106 10.40 -4.12 27.44
CA THR B 106 9.97 -5.10 28.43
C THR B 106 9.90 -6.52 27.86
N SER B 107 10.20 -6.70 26.57
CA SER B 107 10.29 -8.01 25.93
C SER B 107 11.63 -8.08 25.23
N ILE B 108 12.30 -9.22 25.31
CA ILE B 108 13.63 -9.39 24.75
C ILE B 108 13.71 -10.76 24.11
N LEU B 109 14.36 -10.84 22.97
CA LEU B 109 14.72 -12.09 22.35
C LEU B 109 16.23 -12.21 22.39
N ILE B 110 16.75 -13.32 22.92
CA ILE B 110 18.19 -13.55 22.95
C ILE B 110 18.51 -14.62 21.94
N VAL B 111 19.48 -14.34 21.08
CA VAL B 111 19.90 -15.27 20.04
C VAL B 111 21.38 -15.50 20.21
N TYR B 112 21.78 -16.77 20.28
CA TYR B 112 23.20 -17.05 20.34
C TYR B 112 23.52 -18.28 19.50
N ILE B 113 24.79 -18.44 19.19
CA ILE B 113 25.25 -19.48 18.29
C ILE B 113 26.35 -20.26 18.98
N GLU B 114 26.24 -21.58 18.97
CA GLU B 114 27.23 -22.45 19.58
C GLU B 114 27.86 -23.31 18.50
N GLU B 115 29.15 -23.59 18.66
CA GLU B 115 29.89 -24.37 17.66
C GLU B 115 31.17 -24.83 18.31
N GLY B 116 31.49 -26.11 18.18
CA GLY B 116 32.79 -26.60 18.64
C GLY B 116 32.97 -26.41 20.14
N GLU B 117 34.08 -25.78 20.52
CA GLU B 117 34.39 -25.53 21.91
C GLU B 117 33.55 -24.41 22.51
N LYS B 118 32.84 -23.64 21.69
CA LYS B 118 32.09 -22.49 22.17
C LYS B 118 30.76 -23.00 22.70
N GLN B 119 30.63 -23.06 24.03
CA GLN B 119 29.42 -23.50 24.71
C GLN B 119 28.89 -22.37 25.58
N ILE B 120 27.57 -22.17 25.59
CA ILE B 120 26.92 -21.14 26.39
C ILE B 120 26.32 -21.78 27.64
N ASN B 121 26.52 -21.16 28.79
CA ASN B 121 25.85 -21.61 30.01
C ASN B 121 24.44 -21.02 29.98
N GLN B 122 23.48 -21.81 29.50
CA GLN B 122 22.14 -21.27 29.29
C GLN B 122 21.45 -20.94 30.62
N GLU B 123 21.65 -21.76 31.64
CA GLU B 123 20.98 -21.47 32.89
C GLU B 123 21.46 -20.14 33.46
N TYR B 124 22.77 -19.88 33.39
CA TYR B 124 23.30 -18.62 33.87
C TYR B 124 22.74 -17.46 33.07
N LEU B 125 22.73 -17.59 31.73
CA LEU B 125 22.15 -16.57 30.87
C LEU B 125 20.72 -16.24 31.27
N ILE B 126 19.89 -17.27 31.39
CA ILE B 126 18.49 -17.02 31.76
C ILE B 126 18.42 -16.33 33.11
N SER B 127 19.30 -16.72 34.05
CA SER B 127 19.31 -16.10 35.37
C SER B 127 19.65 -14.61 35.32
N GLN B 128 20.33 -14.14 34.27
CA GLN B 128 20.67 -12.71 34.17
C GLN B 128 19.46 -11.83 33.82
N VAL B 129 18.40 -12.39 33.25
CA VAL B 129 17.25 -11.63 32.80
C VAL B 129 16.24 -11.54 33.95
N GLU B 130 15.95 -10.33 34.42
CA GLU B 130 14.84 -10.18 35.38
C GLU B 130 13.53 -10.09 34.58
N GLY B 131 13.01 -11.26 34.23
CA GLY B 131 11.82 -11.36 33.41
C GLY B 131 11.41 -12.81 33.34
N HIS B 132 10.35 -13.06 32.58
CA HIS B 132 9.73 -14.38 32.54
C HIS B 132 9.94 -14.98 31.15
N GLN B 133 10.71 -16.06 31.10
CA GLN B 133 10.91 -16.77 29.84
C GLN B 133 9.59 -17.37 29.35
N VAL B 134 9.36 -17.27 28.04
CA VAL B 134 8.17 -17.83 27.43
C VAL B 134 8.57 -18.59 26.17
N SER B 135 7.68 -19.48 25.76
CA SER B 135 7.91 -20.24 24.55
C SER B 135 7.82 -19.31 23.35
N LEU B 136 8.51 -19.66 22.27
CA LEU B 136 8.44 -18.82 21.10
C LEU B 136 7.07 -18.85 20.45
N LYS B 137 6.20 -19.80 20.84
CA LYS B 137 4.80 -19.74 20.43
C LYS B 137 4.17 -18.41 20.78
N ASN B 138 4.71 -17.68 21.75
CA ASN B 138 4.07 -16.43 22.17
C ASN B 138 4.58 -15.21 21.40
N LEU B 139 5.37 -15.43 20.35
CA LEU B 139 5.91 -14.31 19.61
C LEU B 139 4.83 -13.49 18.89
N PRO B 140 3.81 -14.11 18.26
CA PRO B 140 2.79 -13.29 17.58
C PRO B 140 2.09 -12.27 18.46
N GLU B 141 1.91 -12.53 19.76
CA GLU B 141 1.33 -11.49 20.61
C GLU B 141 2.34 -10.42 21.02
N ILE B 142 3.64 -10.64 20.83
CA ILE B 142 4.64 -9.64 21.17
C ILE B 142 5.02 -8.79 19.95
N MET B 143 5.13 -9.42 18.79
CA MET B 143 5.40 -8.69 17.55
C MET B 143 4.26 -7.73 17.24
N ASN B 144 4.64 -6.53 16.79
CA ASN B 144 3.70 -5.46 16.47
C ASN B 144 3.72 -5.21 14.97
N ILE B 145 2.65 -5.63 14.28
CA ILE B 145 2.63 -5.60 12.81
C ILE B 145 2.78 -4.18 12.29
N THR B 146 2.23 -3.19 13.00
CA THR B 146 2.36 -1.81 12.56
C THR B 146 3.80 -1.33 12.65
N GLU B 147 4.53 -1.74 13.69
CA GLU B 147 5.93 -1.35 13.79
C GLU B 147 6.79 -2.05 12.73
N VAL B 148 6.45 -3.29 12.41
CA VAL B 148 7.20 -4.04 11.39
C VAL B 148 7.08 -3.34 10.04
N LYS B 149 5.84 -3.02 9.62
CA LYS B 149 5.67 -2.36 8.33
C LYS B 149 6.32 -0.99 8.33
N LYS B 150 6.44 -0.38 9.51
CA LYS B 150 7.09 0.92 9.63
C LYS B 150 8.59 0.79 9.41
N ILE B 151 9.23 -0.17 10.10
CA ILE B 151 10.68 -0.30 10.00
C ILE B 151 11.06 -0.76 8.61
N TYR B 152 10.26 -1.65 8.04
CA TYR B 152 10.65 -2.20 6.79
C TYR B 152 10.09 -1.41 5.60
N LYS B 153 9.27 -0.35 5.74
CA LYS B 153 8.66 0.24 4.54
C LYS B 153 8.07 -0.77 3.60
N LEU B 154 7.45 -1.78 4.22
CA LEU B 154 6.81 -2.76 3.39
C LEU B 154 5.66 -2.08 2.69
N SER B 155 5.44 -2.47 1.44
CA SER B 155 4.57 -1.71 0.56
C SER B 155 3.40 -2.53 0.09
N SER B 156 2.42 -1.84 -0.50
CA SER B 156 1.19 -2.51 -0.88
C SER B 156 1.42 -3.50 -2.01
N GLN B 157 2.28 -3.15 -2.96
CA GLN B 157 2.55 -4.07 -4.04
C GLN B 157 3.32 -5.29 -3.54
N GLU B 158 4.20 -5.13 -2.55
CA GLU B 158 4.90 -6.29 -1.98
C GLU B 158 3.91 -7.24 -1.30
N GLU B 159 2.94 -6.70 -0.56
CA GLU B 159 1.97 -7.54 0.14
C GLU B 159 1.00 -8.22 -0.82
N SER B 160 0.84 -7.72 -2.04
CA SER B 160 -0.10 -8.32 -2.97
C SER B 160 0.39 -9.66 -3.50
N ILE B 161 1.67 -9.99 -3.35
CA ILE B 161 2.22 -11.19 -3.99
C ILE B 161 2.87 -12.14 -3.00
N GLY B 162 2.76 -11.88 -1.71
CA GLY B 162 3.36 -12.78 -0.74
C GLY B 162 3.15 -12.26 0.66
N THR B 163 3.84 -12.89 1.61
CA THR B 163 3.72 -12.53 3.01
C THR B 163 4.61 -11.34 3.35
N LEU B 164 4.32 -10.72 4.49
CA LEU B 164 5.24 -9.72 5.03
C LEU B 164 6.60 -10.33 5.27
N LEU B 165 6.62 -11.56 5.78
CA LEU B 165 7.89 -12.23 6.05
C LEU B 165 8.72 -12.36 4.79
N ASP B 166 8.09 -12.77 3.68
CA ASP B 166 8.84 -12.97 2.45
C ASP B 166 9.42 -11.67 1.93
N ALA B 167 8.69 -10.55 2.04
CA ALA B 167 9.23 -9.26 1.61
C ALA B 167 10.39 -8.84 2.50
N ILE B 168 10.26 -9.08 3.82
CA ILE B 168 11.34 -8.81 4.75
C ILE B 168 12.57 -9.61 4.38
N ILE B 169 12.39 -10.90 4.09
CA ILE B 169 13.55 -11.74 3.80
C ILE B 169 14.24 -11.24 2.54
N CYS B 170 13.45 -10.85 1.54
CA CYS B 170 14.02 -10.34 0.30
CA CYS B 170 14.04 -10.37 0.30
C CYS B 170 14.87 -9.10 0.54
N ARG B 171 14.38 -8.19 1.40
CA ARG B 171 15.15 -7.00 1.72
C ARG B 171 16.46 -7.37 2.42
N MET B 172 16.36 -8.23 3.43
CA MET B 172 17.54 -8.63 4.20
C MET B 172 18.59 -9.32 3.33
N SER B 173 18.15 -10.24 2.48
CA SER B 173 19.11 -11.05 1.74
C SER B 173 19.82 -10.31 0.61
N THR B 174 19.29 -9.17 0.14
CA THR B 174 19.87 -8.51 -1.03
C THR B 174 20.45 -7.15 -0.71
N LYS B 175 20.40 -6.70 0.55
CA LYS B 175 20.81 -5.32 0.82
C LYS B 175 22.30 -5.10 0.63
N ASP B 176 23.10 -6.17 0.63
CA ASP B 176 24.53 -6.00 0.45
C ASP B 176 24.94 -5.76 -1.00
N VAL B 177 24.03 -5.88 -1.97
CA VAL B 177 24.37 -5.43 -3.31
C VAL B 177 23.47 -4.27 -3.71
N LEU B 178 22.79 -3.68 -2.73
CA LEU B 178 21.77 -2.62 -2.90
C LEU B 178 20.80 -2.93 -4.03
N GLU C 20 -37.08 31.59 -6.29
CA GLU C 20 -35.98 31.29 -5.38
C GLU C 20 -36.46 30.58 -4.11
N ALA C 21 -37.51 31.10 -3.48
CA ALA C 21 -38.06 30.45 -2.28
C ALA C 21 -38.75 29.13 -2.61
N GLU C 22 -39.47 29.07 -3.73
CA GLU C 22 -40.13 27.82 -4.12
C GLU C 22 -39.13 26.71 -4.39
N ALA C 23 -38.04 27.03 -5.11
CA ALA C 23 -37.04 26.00 -5.40
C ALA C 23 -36.37 25.51 -4.12
N LEU C 24 -36.11 26.44 -3.19
CA LEU C 24 -35.46 26.06 -1.95
C LEU C 24 -36.36 25.19 -1.08
N ALA C 25 -37.67 25.48 -1.06
CA ALA C 25 -38.58 24.59 -0.35
C ALA C 25 -38.59 23.21 -0.97
N ALA C 26 -38.52 23.13 -2.31
CA ALA C 26 -38.48 21.84 -2.98
C ALA C 26 -37.22 21.06 -2.61
N ALA C 27 -36.09 21.75 -2.49
CA ALA C 27 -34.85 21.05 -2.13
C ALA C 27 -34.88 20.58 -0.69
N ARG C 28 -35.44 21.39 0.22
CA ARG C 28 -35.53 20.94 1.60
C ARG C 28 -36.48 19.75 1.73
N GLU C 29 -37.58 19.75 0.99
CA GLU C 29 -38.49 18.61 0.99
C GLU C 29 -37.80 17.35 0.49
N ARG C 30 -37.05 17.45 -0.60
CA ARG C 30 -36.28 16.30 -1.09
C ARG C 30 -35.37 15.78 0.01
N SER C 31 -34.69 16.69 0.70
CA SER C 31 -33.82 16.27 1.79
C SER C 31 -34.64 15.71 2.95
N SER C 32 -35.72 16.40 3.31
CA SER C 32 -36.59 15.94 4.41
C SER C 32 -37.08 14.52 4.16
N ARG C 33 -37.55 14.25 2.93
CA ARG C 33 -38.02 12.92 2.59
C ARG C 33 -36.89 11.91 2.58
N PHE C 34 -35.73 12.28 2.01
CA PHE C 34 -34.60 11.35 1.98
C PHE C 34 -34.18 10.96 3.40
N LEU C 35 -34.17 11.93 4.32
CA LEU C 35 -33.79 11.64 5.70
C LEU C 35 -34.88 10.91 6.47
N SER C 36 -36.12 10.91 5.99
CA SER C 36 -37.19 10.20 6.71
C SER C 36 -36.94 8.69 6.79
N GLY C 37 -36.28 8.10 5.79
CA GLY C 37 -36.15 6.66 5.73
C GLY C 37 -34.83 5.98 6.07
N LEU C 38 -33.88 6.66 6.70
CA LEU C 38 -32.59 6.04 7.02
C LEU C 38 -32.50 5.70 8.51
N GLU C 39 -31.57 4.80 8.82
CA GLU C 39 -31.32 4.37 10.19
C GLU C 39 -30.49 5.41 10.94
N LEU C 40 -30.95 5.77 12.13
CA LEU C 40 -30.17 6.66 12.98
C LEU C 40 -28.96 5.93 13.55
N VAL C 41 -27.77 6.50 13.38
CA VAL C 41 -26.58 5.91 13.98
C VAL C 41 -26.00 6.71 15.13
N LYS C 42 -26.29 8.00 15.22
CA LYS C 42 -25.77 8.77 16.35
C LYS C 42 -26.67 9.97 16.60
N GLN C 43 -26.91 10.25 17.88
CA GLN C 43 -27.68 11.42 18.30
C GLN C 43 -26.78 12.24 19.23
N GLY C 44 -26.41 13.43 18.79
CA GLY C 44 -25.71 14.38 19.62
C GLY C 44 -26.70 15.30 20.31
N ALA C 45 -26.16 16.38 20.85
CA ALA C 45 -27.05 17.40 21.40
C ALA C 45 -27.88 18.04 20.29
N GLU C 46 -27.22 18.63 19.30
CA GLU C 46 -27.92 19.30 18.21
C GLU C 46 -28.12 18.39 16.99
N ALA C 47 -27.14 17.54 16.69
CA ALA C 47 -27.09 16.85 15.40
C ALA C 47 -27.60 15.41 15.48
N ARG C 48 -28.10 14.93 14.36
CA ARG C 48 -28.42 13.52 14.18
C ARG C 48 -27.59 13.01 13.02
N VAL C 49 -27.08 11.79 13.13
CA VAL C 49 -26.28 11.19 12.08
C VAL C 49 -26.99 9.93 11.62
N PHE C 50 -27.29 9.86 10.32
CA PHE C 50 -28.01 8.74 9.75
C PHE C 50 -27.07 7.97 8.83
N ARG C 51 -27.35 6.69 8.67
CA ARG C 51 -26.58 5.85 7.77
C ARG C 51 -27.40 5.59 6.50
N GLY C 52 -26.72 5.64 5.37
CA GLY C 52 -27.34 5.38 4.09
C GLY C 52 -26.27 5.07 3.07
N ARG C 53 -26.69 5.12 1.81
CA ARG C 53 -25.83 4.91 0.65
C ARG C 53 -25.84 6.15 -0.22
N PHE C 54 -24.67 6.53 -0.73
CA PHE C 54 -24.55 7.67 -1.65
C PHE C 54 -23.84 7.19 -2.89
N GLN C 55 -24.57 7.08 -4.00
CA GLN C 55 -24.03 6.69 -5.30
C GLN C 55 -23.10 5.50 -5.16
N GLY C 56 -23.59 4.48 -4.45
CA GLY C 56 -22.87 3.23 -4.32
C GLY C 56 -21.88 3.12 -3.18
N ARG C 57 -21.68 4.18 -2.40
CA ARG C 57 -20.76 4.14 -1.27
C ARG C 57 -21.55 4.17 0.02
N ALA C 58 -21.01 3.50 1.04
CA ALA C 58 -21.60 3.58 2.36
C ALA C 58 -21.38 4.97 2.93
N ALA C 59 -22.45 5.59 3.40
CA ALA C 59 -22.38 6.98 3.82
C ALA C 59 -23.13 7.19 5.13
N VAL C 60 -22.74 8.25 5.80
CA VAL C 60 -23.55 8.84 6.85
C VAL C 60 -23.94 10.25 6.41
N ILE C 61 -25.10 10.68 6.91
CA ILE C 61 -25.67 11.98 6.62
C ILE C 61 -25.97 12.63 7.95
N LYS C 62 -25.41 13.83 8.15
CA LYS C 62 -25.51 14.56 9.40
C LYS C 62 -26.36 15.81 9.20
N HIS C 63 -27.35 15.98 10.07
CA HIS C 63 -28.30 17.09 9.97
C HIS C 63 -28.73 17.49 11.37
N ARG C 64 -29.02 18.78 11.53
CA ARG C 64 -29.55 19.31 12.78
C ARG C 64 -31.00 19.73 12.58
N PHE C 65 -31.93 19.05 13.28
CA PHE C 65 -33.34 19.45 13.15
C PHE C 65 -33.60 20.63 14.07
N PRO C 66 -34.26 21.68 13.60
CA PRO C 66 -34.49 22.84 14.46
C PRO C 66 -35.31 22.48 15.68
N LYS C 67 -34.94 23.05 16.83
CA LYS C 67 -35.69 22.79 18.04
C LYS C 67 -36.89 23.74 18.06
N GLY C 68 -38.00 23.24 18.59
CA GLY C 68 -39.25 23.98 18.56
C GLY C 68 -39.25 25.30 19.30
N TYR C 69 -38.38 25.45 20.30
CA TYR C 69 -38.48 26.60 21.19
C TYR C 69 -37.53 27.74 20.84
N ARG C 70 -36.88 27.70 19.69
CA ARG C 70 -35.92 28.70 19.28
C ARG C 70 -36.36 29.34 17.97
N HIS C 71 -35.79 30.50 17.69
CA HIS C 71 -36.09 31.19 16.43
C HIS C 71 -35.62 30.36 15.25
N PRO C 72 -36.48 30.07 14.27
CA PRO C 72 -36.05 29.29 13.09
C PRO C 72 -34.89 29.91 12.30
N ALA C 73 -34.77 31.25 12.27
CA ALA C 73 -33.67 31.85 11.54
C ALA C 73 -32.34 31.60 12.24
N LEU C 74 -32.34 31.64 13.58
CA LEU C 74 -31.13 31.32 14.31
C LEU C 74 -30.78 29.83 14.17
N GLU C 75 -31.78 28.96 14.07
CA GLU C 75 -31.50 27.54 13.84
C GLU C 75 -30.82 27.31 12.49
N ALA C 76 -31.24 28.03 11.45
CA ALA C 76 -30.59 27.90 10.15
C ALA C 76 -29.16 28.40 10.21
N ARG C 77 -28.94 29.50 10.93
CA ARG C 77 -27.60 30.04 11.10
C ARG C 77 -26.71 29.04 11.82
N LEU C 78 -27.23 28.42 12.88
CA LEU C 78 -26.46 27.41 13.61
C LEU C 78 -26.11 26.25 12.71
N GLY C 79 -27.12 25.72 12.00
CA GLY C 79 -26.87 24.58 11.13
C GLY C 79 -25.87 24.90 10.03
N ARG C 80 -25.97 26.09 9.45
CA ARG C 80 -25.02 26.47 8.40
C ARG C 80 -23.60 26.59 8.93
N ARG C 81 -23.42 27.28 10.07
CA ARG C 81 -22.08 27.50 10.59
C ARG C 81 -21.39 26.18 10.90
N ARG C 82 -22.08 25.27 11.59
CA ARG C 82 -21.44 24.01 11.99
C ARG C 82 -21.22 23.10 10.79
N THR C 83 -22.14 23.14 9.82
CA THR C 83 -21.94 22.34 8.61
C THR C 83 -20.73 22.83 7.81
N VAL C 84 -20.63 24.15 7.63
CA VAL C 84 -19.47 24.71 6.92
C VAL C 84 -18.19 24.37 7.68
N GLN C 85 -18.19 24.56 9.00
CA GLN C 85 -16.95 24.30 9.73
C GLN C 85 -16.54 22.83 9.65
N GLU C 86 -17.50 21.91 9.74
CA GLU C 86 -17.11 20.51 9.63
C GLU C 86 -16.56 20.18 8.25
N ALA C 87 -17.19 20.66 7.19
CA ALA C 87 -16.67 20.43 5.83
C ALA C 87 -15.26 20.99 5.69
N ARG C 88 -15.03 22.21 6.20
CA ARG C 88 -13.68 22.81 6.16
C ARG C 88 -12.69 21.99 6.97
N ALA C 89 -13.11 21.51 8.15
CA ALA C 89 -12.21 20.73 8.99
C ALA C 89 -11.83 19.41 8.33
N LEU C 90 -12.79 18.74 7.68
CA LEU C 90 -12.49 17.44 7.10
C LEU C 90 -11.58 17.56 5.89
N LEU C 91 -11.74 18.61 5.09
CA LEU C 91 -10.78 18.87 4.01
C LEU C 91 -9.38 19.09 4.59
N ARG C 92 -9.28 19.94 5.61
CA ARG C 92 -7.97 20.22 6.20
C ARG C 92 -7.32 18.94 6.73
N CYS C 93 -8.14 18.09 7.37
CA CYS C 93 -7.66 16.79 7.85
C CYS C 93 -7.10 15.93 6.75
N ARG C 94 -7.88 15.70 5.68
CA ARG C 94 -7.43 14.83 4.61
C ARG C 94 -6.14 15.35 3.97
N ARG C 95 -6.06 16.66 3.74
CA ARG C 95 -4.85 17.21 3.12
C ARG C 95 -3.64 17.13 4.03
N ALA C 96 -3.84 17.03 5.33
CA ALA C 96 -2.73 16.94 6.27
C ALA C 96 -2.43 15.51 6.70
N GLY C 97 -3.11 14.52 6.12
CA GLY C 97 -2.87 13.16 6.56
C GLY C 97 -3.40 12.83 7.93
N ILE C 98 -4.41 13.57 8.39
CA ILE C 98 -5.13 13.22 9.60
C ILE C 98 -6.35 12.39 9.20
N SER C 99 -6.45 11.19 9.74
CA SER C 99 -7.50 10.28 9.30
C SER C 99 -8.84 10.74 9.86
N ALA C 100 -9.82 10.89 8.96
CA ALA C 100 -11.14 11.42 9.22
C ALA C 100 -12.02 11.09 8.01
N PRO C 101 -13.36 11.12 8.17
CA PRO C 101 -14.22 10.72 7.04
C PRO C 101 -14.05 11.64 5.85
N VAL C 102 -14.09 11.03 4.65
CA VAL C 102 -14.19 11.76 3.39
C VAL C 102 -15.53 12.48 3.29
N VAL C 103 -15.52 13.74 2.81
CA VAL C 103 -16.77 14.44 2.49
C VAL C 103 -17.20 14.09 1.07
N PHE C 104 -18.44 13.60 0.91
CA PHE C 104 -18.98 13.32 -0.42
C PHE C 104 -19.74 14.49 -1.01
N PHE C 105 -20.55 15.17 -0.19
CA PHE C 105 -21.48 16.17 -0.69
C PHE C 105 -21.96 17.00 0.48
N VAL C 106 -22.07 18.31 0.31
CA VAL C 106 -22.59 19.18 1.36
C VAL C 106 -23.79 19.94 0.78
N ASP C 107 -24.96 19.74 1.39
CA ASP C 107 -26.21 20.36 0.93
C ASP C 107 -26.44 21.59 1.80
N TYR C 108 -26.14 22.77 1.25
CA TYR C 108 -26.31 23.99 2.02
C TYR C 108 -27.75 24.52 1.98
N ALA C 109 -28.61 23.98 1.12
CA ALA C 109 -30.03 24.32 1.20
C ALA C 109 -30.65 23.72 2.45
N SER C 110 -30.26 22.50 2.80
CA SER C 110 -30.78 21.81 3.97
C SER C 110 -29.78 21.74 5.11
N ASN C 111 -28.51 22.13 4.89
CA ASN C 111 -27.45 21.97 5.87
C ASN C 111 -27.30 20.49 6.29
N CYS C 112 -27.13 19.63 5.27
CA CYS C 112 -26.84 18.21 5.44
C CYS C 112 -25.46 17.91 4.93
N LEU C 113 -24.70 17.15 5.71
CA LEU C 113 -23.34 16.77 5.36
C LEU C 113 -23.32 15.28 5.05
N TYR C 114 -22.95 14.94 3.82
CA TYR C 114 -22.82 13.54 3.40
C TYR C 114 -21.34 13.16 3.42
N MET C 115 -21.02 12.12 4.19
CA MET C 115 -19.64 11.72 4.38
C MET C 115 -19.53 10.20 4.34
N GLU C 116 -18.30 9.74 4.20
CA GLU C 116 -18.00 8.32 4.18
C GLU C 116 -18.37 7.69 5.53
N GLU C 117 -19.03 6.53 5.50
CA GLU C 117 -19.22 5.78 6.73
C GLU C 117 -17.93 5.04 7.08
N ILE C 118 -17.52 5.12 8.33
CA ILE C 118 -16.37 4.36 8.81
C ILE C 118 -16.91 2.99 9.19
N GLU C 119 -17.00 2.10 8.19
CA GLU C 119 -17.78 0.87 8.33
C GLU C 119 -17.15 -0.08 9.34
N GLY C 120 -18.00 -0.66 10.18
CA GLY C 120 -17.57 -1.65 11.15
C GLY C 120 -16.68 -1.13 12.25
N SER C 121 -16.65 0.17 12.46
CA SER C 121 -15.77 0.77 13.46
C SER C 121 -16.43 0.77 14.85
N VAL C 122 -15.59 0.91 15.86
CA VAL C 122 -16.06 1.07 17.23
C VAL C 122 -15.47 2.34 17.81
N THR C 123 -16.21 2.97 18.71
CA THR C 123 -15.66 4.15 19.36
C THR C 123 -14.58 3.73 20.34
N VAL C 124 -13.62 4.62 20.53
CA VAL C 124 -12.58 4.45 21.54
C VAL C 124 -13.21 4.27 22.92
N ARG C 125 -14.33 4.96 23.18
CA ARG C 125 -15.05 4.79 24.44
C ARG C 125 -15.45 3.34 24.68
N ASP C 126 -16.11 2.72 23.69
CA ASP C 126 -16.53 1.33 23.83
C ASP C 126 -15.33 0.41 23.90
N TYR C 127 -14.31 0.70 23.09
CA TYR C 127 -13.11 -0.12 23.09
C TYR C 127 -12.40 -0.07 24.44
N ILE C 128 -12.31 1.11 25.04
CA ILE C 128 -11.69 1.18 26.37
C ILE C 128 -12.53 0.39 27.37
N GLN C 129 -13.83 0.50 27.27
CA GLN C 129 -14.74 -0.22 28.16
C GLN C 129 -14.69 -1.73 28.01
N SER C 130 -14.61 -2.26 26.82
CA SER C 130 -14.53 -3.70 26.74
C SER C 130 -13.21 -4.22 27.33
N THR C 131 -12.12 -3.52 27.00
CA THR C 131 -10.79 -3.89 27.51
C THR C 131 -10.73 -3.82 29.03
N MET C 132 -11.29 -2.74 29.60
CA MET C 132 -11.23 -2.58 31.05
C MET C 132 -12.07 -3.62 31.78
N GLU C 133 -13.17 -4.08 31.18
CA GLU C 133 -13.96 -5.07 31.88
C GLU C 133 -13.47 -6.50 31.63
N THR C 134 -12.72 -6.74 30.56
CA THR C 134 -12.11 -8.05 30.44
C THR C 134 -10.77 -8.09 31.15
N GLU C 135 -9.91 -7.13 30.87
CA GLU C 135 -8.55 -7.13 31.38
C GLU C 135 -8.39 -6.04 32.44
N GLN C 139 -3.13 -1.83 31.36
CA GLN C 139 -1.73 -1.94 30.94
C GLN C 139 -1.62 -2.03 29.41
N GLY C 140 -2.53 -2.78 28.79
CA GLY C 140 -2.49 -2.99 27.36
C GLY C 140 -3.01 -1.86 26.51
N LEU C 141 -3.41 -0.74 27.11
CA LEU C 141 -3.93 0.41 26.38
C LEU C 141 -2.87 1.45 26.06
N SER C 142 -1.59 1.13 26.31
CA SER C 142 -0.53 2.10 26.11
C SER C 142 -0.37 2.45 24.63
N ASN C 143 -0.45 1.44 23.76
CA ASN C 143 -0.33 1.71 22.33
C ASN C 143 -1.46 2.61 21.85
N LEU C 144 -2.68 2.35 22.32
CA LEU C 144 -3.81 3.18 21.94
C LEU C 144 -3.58 4.62 22.36
N ALA C 145 -3.15 4.82 23.61
CA ALA C 145 -2.89 6.17 24.10
C ALA C 145 -1.81 6.86 23.27
N LYS C 146 -0.75 6.13 22.93
CA LYS C 146 0.33 6.73 22.15
C LYS C 146 -0.16 7.13 20.77
N THR C 147 -1.02 6.31 20.16
CA THR C 147 -1.58 6.65 18.85
C THR C 147 -2.44 7.91 18.94
N ILE C 148 -3.32 7.98 19.96
CA ILE C 148 -4.13 9.17 20.14
C ILE C 148 -3.26 10.40 20.34
N GLY C 149 -2.19 10.27 21.12
CA GLY C 149 -1.26 11.40 21.28
C GLY C 149 -0.67 11.86 19.96
N GLN C 150 -0.29 10.93 19.10
CA GLN C 150 0.29 11.30 17.81
C GLN C 150 -0.74 11.96 16.90
N VAL C 151 -1.97 11.42 16.89
CA VAL C 151 -3.01 11.93 16.00
C VAL C 151 -3.42 13.34 16.41
N LEU C 152 -3.67 13.55 17.72
CA LEU C 152 -4.06 14.88 18.17
C LEU C 152 -2.91 15.87 18.08
N ALA C 153 -1.66 15.43 18.25
CA ALA C 153 -0.52 16.32 17.99
C ALA C 153 -0.51 16.78 16.54
N ARG C 154 -0.75 15.85 15.61
CA ARG C 154 -0.79 16.24 14.20
C ARG C 154 -1.92 17.23 13.94
N MET C 155 -3.07 17.01 14.56
CA MET C 155 -4.23 17.89 14.39
C MET C 155 -3.95 19.30 14.91
N HIS C 156 -3.46 19.39 16.16
CA HIS C 156 -3.15 20.71 16.70
C HIS C 156 -2.01 21.38 15.96
N ASP C 157 -1.03 20.62 15.46
CA ASP C 157 0.03 21.24 14.69
C ASP C 157 -0.48 21.80 13.37
N GLU C 158 -1.64 21.36 12.89
CA GLU C 158 -2.30 22.05 11.78
C GLU C 158 -3.19 23.19 12.27
N ASP C 159 -3.08 23.56 13.55
CA ASP C 159 -3.90 24.62 14.15
C ASP C 159 -5.40 24.34 14.06
N LEU C 160 -5.78 23.08 14.01
CA LEU C 160 -7.19 22.71 13.99
C LEU C 160 -7.60 22.34 15.42
N ILE C 161 -8.55 23.08 15.97
CA ILE C 161 -9.14 22.81 17.28
C ILE C 161 -10.38 21.98 17.05
N HIS C 162 -10.44 20.79 17.65
CA HIS C 162 -11.58 19.91 17.37
C HIS C 162 -12.88 20.47 17.97
N GLY C 163 -12.81 20.90 19.23
CA GLY C 163 -13.94 21.51 19.90
C GLY C 163 -14.83 20.57 20.70
N ASP C 164 -14.73 19.27 20.48
CA ASP C 164 -15.60 18.31 21.17
C ASP C 164 -14.84 17.02 21.39
N LEU C 165 -13.62 17.12 21.91
CA LEU C 165 -12.68 15.99 21.97
C LEU C 165 -13.07 15.03 23.09
N THR C 166 -13.81 13.98 22.76
CA THR C 166 -14.10 12.91 23.71
C THR C 166 -13.72 11.57 23.09
N THR C 167 -13.74 10.52 23.92
CA THR C 167 -13.49 9.20 23.37
C THR C 167 -14.67 8.69 22.55
N SER C 168 -15.80 9.41 22.54
CA SER C 168 -16.86 9.02 21.62
C SER C 168 -16.66 9.58 20.23
N ASN C 169 -15.78 10.58 20.07
CA ASN C 169 -15.54 11.20 18.78
C ASN C 169 -14.25 10.73 18.13
N MET C 170 -13.76 9.56 18.53
CA MET C 170 -12.64 8.87 17.90
C MET C 170 -13.11 7.46 17.60
N LEU C 171 -12.94 7.02 16.36
CA LEU C 171 -13.32 5.68 15.96
C LEU C 171 -12.07 4.85 15.72
N LEU C 172 -12.20 3.56 15.94
CA LEU C 172 -11.18 2.57 15.61
C LEU C 172 -11.74 1.75 14.46
N LYS C 173 -11.11 1.85 13.29
CA LYS C 173 -11.42 1.24 12.02
C LYS C 173 -10.81 -0.16 11.92
N PRO C 174 -11.54 -1.15 11.45
CA PRO C 174 -10.98 -2.50 11.36
C PRO C 174 -9.84 -2.53 10.42
N PRO C 175 -8.80 -3.39 10.63
CA PRO C 175 -8.71 -4.36 11.75
C PRO C 175 -8.45 -3.67 13.09
N LEU C 176 -9.21 -4.06 14.11
CA LEU C 176 -9.26 -3.25 15.33
C LEU C 176 -7.90 -3.16 16.01
N GLU C 177 -7.19 -4.28 16.11
CA GLU C 177 -5.96 -4.28 16.90
C GLU C 177 -4.82 -3.53 16.22
N GLN C 178 -4.98 -3.10 14.97
CA GLN C 178 -4.01 -2.21 14.36
C GLN C 178 -4.11 -0.78 14.89
N LEU C 179 -5.14 -0.46 15.67
CA LEU C 179 -5.35 0.86 16.24
C LEU C 179 -5.31 1.97 15.17
N ASN C 180 -6.22 1.86 14.21
CA ASN C 180 -6.41 2.85 13.16
C ASN C 180 -7.44 3.86 13.64
N ILE C 181 -6.97 4.98 14.19
CA ILE C 181 -7.85 6.00 14.76
C ILE C 181 -8.40 6.89 13.64
N VAL C 182 -9.70 7.14 13.66
CA VAL C 182 -10.36 8.06 12.73
C VAL C 182 -11.11 9.09 13.57
N LEU C 183 -10.80 10.37 13.35
CA LEU C 183 -11.48 11.43 14.10
C LEU C 183 -12.79 11.78 13.41
N ILE C 184 -13.83 12.10 14.20
CA ILE C 184 -15.13 12.45 13.66
C ILE C 184 -15.72 13.65 14.39
N ASP C 185 -16.79 14.22 13.81
CA ASP C 185 -17.65 15.22 14.43
C ASP C 185 -16.91 16.53 14.75
N PHE C 186 -16.58 17.25 13.66
CA PHE C 186 -15.90 18.54 13.71
C PHE C 186 -16.85 19.72 13.62
N GLY C 187 -18.12 19.55 13.97
CA GLY C 187 -19.05 20.67 13.86
C GLY C 187 -18.74 21.84 14.78
N LEU C 188 -18.01 21.62 15.86
CA LEU C 188 -17.60 22.69 16.76
C LEU C 188 -16.14 23.06 16.59
N SER C 189 -15.49 22.57 15.54
CA SER C 189 -14.08 22.86 15.26
C SER C 189 -13.86 24.32 14.83
N PHE C 190 -12.61 24.77 14.95
CA PHE C 190 -12.20 26.05 14.38
C PHE C 190 -10.68 26.05 14.29
N ILE C 191 -10.15 27.07 13.62
CA ILE C 191 -8.72 27.19 13.38
C ILE C 191 -8.15 28.16 14.41
N SER C 192 -7.12 27.74 15.14
CA SER C 192 -6.45 28.65 16.07
C SER C 192 -5.04 28.14 16.31
N ALA C 193 -4.08 29.07 16.35
CA ALA C 193 -2.72 28.73 16.76
C ALA C 193 -2.50 29.00 18.23
N LEU C 194 -3.52 29.50 18.94
CA LEU C 194 -3.32 29.90 20.33
C LEU C 194 -3.17 28.68 21.24
N PRO C 195 -2.12 28.61 22.04
CA PRO C 195 -2.00 27.51 23.01
C PRO C 195 -3.20 27.41 23.94
N GLU C 196 -3.86 28.51 24.27
CA GLU C 196 -5.00 28.41 25.17
C GLU C 196 -6.12 27.61 24.53
N ASP C 197 -6.37 27.82 23.23
CA ASP C 197 -7.42 27.07 22.56
C ASP C 197 -7.08 25.59 22.51
N LYS C 198 -5.82 25.27 22.25
CA LYS C 198 -5.41 23.88 22.22
C LYS C 198 -5.49 23.24 23.61
N GLY C 199 -5.14 23.99 24.65
CA GLY C 199 -5.23 23.44 25.99
C GLY C 199 -6.66 23.17 26.43
N VAL C 200 -7.57 24.08 26.06
CA VAL C 200 -8.99 23.86 26.33
C VAL C 200 -9.48 22.62 25.58
N ASP C 201 -9.01 22.43 24.34
CA ASP C 201 -9.30 21.21 23.60
C ASP C 201 -8.90 19.99 24.42
N LEU C 202 -7.68 19.98 24.94
CA LEU C 202 -7.22 18.87 25.77
C LEU C 202 -8.00 18.76 27.08
N TYR C 203 -8.42 19.89 27.65
CA TYR C 203 -9.16 19.86 28.90
C TYR C 203 -10.50 19.14 28.72
N VAL C 204 -11.20 19.40 27.62
CA VAL C 204 -12.43 18.68 27.32
C VAL C 204 -12.17 17.18 27.25
N LEU C 205 -11.08 16.78 26.59
CA LEU C 205 -10.74 15.36 26.52
C LEU C 205 -10.42 14.82 27.90
N GLU C 206 -9.67 15.58 28.70
CA GLU C 206 -9.35 15.12 30.04
C GLU C 206 -10.61 14.90 30.87
N LYS C 207 -11.53 15.87 30.85
CA LYS C 207 -12.77 15.73 31.64
C LYS C 207 -13.60 14.56 31.16
N ALA C 208 -13.67 14.39 29.85
CA ALA C 208 -14.44 13.30 29.29
C ALA C 208 -13.82 11.97 29.68
N PHE C 209 -12.49 11.90 29.67
CA PHE C 209 -11.79 10.68 30.09
C PHE C 209 -12.01 10.38 31.57
N LEU C 210 -11.83 11.38 32.43
CA LEU C 210 -12.00 11.18 33.87
C LEU C 210 -13.43 10.78 34.20
N SER C 211 -14.38 11.38 33.49
CA SER C 211 -15.80 11.14 33.77
C SER C 211 -16.24 9.77 33.27
N THR C 212 -15.85 9.44 32.04
CA THR C 212 -16.38 8.27 31.35
C THR C 212 -15.55 7.02 31.58
N HIS C 213 -14.26 7.18 31.84
CA HIS C 213 -13.36 6.06 32.09
C HIS C 213 -12.65 6.28 33.42
N PRO C 214 -13.40 6.36 34.52
CA PRO C 214 -12.77 6.64 35.81
C PRO C 214 -11.74 5.58 36.17
N ASN C 215 -10.74 6.01 36.95
CA ASN C 215 -9.68 5.14 37.46
C ASN C 215 -8.96 4.41 36.33
N THR C 216 -8.66 5.14 35.25
CA THR C 216 -7.81 4.70 34.16
C THR C 216 -6.77 5.80 33.80
N GLU C 217 -6.25 6.49 34.84
CA GLU C 217 -5.43 7.69 34.66
C GLU C 217 -4.11 7.42 33.93
N THR C 218 -3.46 6.28 34.18
CA THR C 218 -2.36 5.84 33.30
C THR C 218 -2.56 6.01 31.78
N VAL C 219 -3.76 5.71 31.28
CA VAL C 219 -3.97 5.89 29.84
C VAL C 219 -3.78 7.36 29.47
N PHE C 220 -4.40 8.27 30.23
CA PHE C 220 -4.29 9.69 29.92
C PHE C 220 -2.86 10.19 30.08
N GLU C 221 -2.12 9.69 31.07
CA GLU C 221 -0.72 10.08 31.22
C GLU C 221 0.09 9.69 29.99
N ALA C 222 -0.10 8.47 29.49
CA ALA C 222 0.62 8.03 28.29
C ALA C 222 0.21 8.85 27.07
N PHE C 223 -1.06 9.26 27.00
CA PHE C 223 -1.49 10.16 25.93
C PHE C 223 -0.70 11.47 25.99
N LEU C 224 -0.65 12.09 27.17
CA LEU C 224 0.06 13.36 27.33
C LEU C 224 1.53 13.22 26.94
N LYS C 225 2.19 12.14 27.38
CA LYS C 225 3.59 11.92 27.00
C LYS C 225 3.75 11.86 25.48
N SER C 226 2.85 11.13 24.81
CA SER C 226 2.99 10.97 23.36
C SER C 226 2.66 12.26 22.64
N TYR C 227 1.65 12.98 23.12
CA TYR C 227 1.33 14.30 22.60
C TYR C 227 2.52 15.25 22.71
N SER C 228 3.15 15.28 23.88
CA SER C 228 4.28 16.18 24.09
C SER C 228 5.47 15.80 23.22
N THR C 229 5.69 14.49 23.03
CA THR C 229 6.78 14.06 22.16
C THR C 229 6.52 14.45 20.72
N SER C 230 5.27 14.31 20.27
CA SER C 230 4.97 14.40 18.85
C SER C 230 4.81 15.84 18.37
N SER C 231 4.42 16.75 19.24
CA SER C 231 4.14 18.11 18.81
C SER C 231 5.21 19.05 19.32
N LYS C 232 5.78 19.85 18.41
CA LYS C 232 6.83 20.77 18.78
C LYS C 232 6.35 21.94 19.64
N LYS C 233 5.06 22.25 19.62
CA LYS C 233 4.54 23.37 20.37
C LYS C 233 3.77 22.93 21.62
N ALA C 234 3.99 21.69 22.07
CA ALA C 234 3.15 21.13 23.13
C ALA C 234 3.38 21.80 24.48
N ARG C 235 4.60 22.27 24.77
CA ARG C 235 4.88 22.77 26.12
C ARG C 235 3.94 23.89 26.55
N PRO C 236 3.73 24.97 25.77
CA PRO C 236 2.77 26.00 26.21
C PRO C 236 1.34 25.50 26.25
N VAL C 237 1.00 24.48 25.46
CA VAL C 237 -0.35 23.92 25.51
C VAL C 237 -0.59 23.20 26.83
N LEU C 238 0.38 22.42 27.29
CA LEU C 238 0.18 21.70 28.54
C LEU C 238 0.13 22.64 29.73
N LYS C 239 0.82 23.79 29.66
CA LYS C 239 0.68 24.79 30.71
C LYS C 239 -0.70 25.43 30.70
N LYS C 240 -1.24 25.68 29.51
CA LYS C 240 -2.59 26.21 29.42
C LYS C 240 -3.62 25.19 29.93
N LEU C 241 -3.41 23.90 29.65
CA LEU C 241 -4.32 22.88 30.19
C LEU C 241 -4.35 22.94 31.71
N ASP C 242 -3.18 23.13 32.35
CA ASP C 242 -3.12 23.26 33.80
C ASP C 242 -3.89 24.49 34.28
N GLU C 243 -3.73 25.62 33.58
CA GLU C 243 -4.39 26.86 34.03
C GLU C 243 -5.91 26.76 33.88
N VAL C 244 -6.36 26.20 32.75
CA VAL C 244 -7.79 26.11 32.47
C VAL C 244 -8.49 25.15 33.43
N ARG C 245 -7.82 24.05 33.80
CA ARG C 245 -8.37 23.15 34.82
C ARG C 245 -8.58 23.88 36.15
N LEU C 246 -7.62 24.72 36.55
CA LEU C 246 -7.73 25.44 37.82
C LEU C 246 -8.85 26.48 37.78
N ARG C 247 -8.98 27.23 36.68
CA ARG C 247 -10.05 28.24 36.59
C ARG C 247 -11.46 27.66 36.76
N HIS D 3 -17.67 -1.67 -25.77
CA HIS D 3 -18.57 -0.56 -26.03
C HIS D 3 -19.93 -0.77 -25.36
N MET D 4 -20.07 -0.26 -24.15
CA MET D 4 -21.29 -0.41 -23.36
C MET D 4 -21.37 0.76 -22.38
N GLN D 5 -22.58 1.27 -22.20
CA GLN D 5 -22.76 2.46 -21.40
C GLN D 5 -22.71 2.11 -19.91
N LEU D 6 -22.56 3.14 -19.09
CA LEU D 6 -22.70 3.00 -17.64
C LEU D 6 -23.73 4.01 -17.17
N THR D 7 -24.78 3.52 -16.54
CA THR D 7 -25.88 4.38 -16.12
C THR D 7 -26.16 4.16 -14.65
N HIS D 8 -26.44 5.25 -13.93
CA HIS D 8 -26.80 5.21 -12.53
C HIS D 8 -27.86 6.27 -12.27
N GLN D 9 -28.87 5.92 -11.47
CA GLN D 9 -29.77 6.94 -10.97
C GLN D 9 -29.09 7.73 -9.87
N LEU D 10 -29.50 8.99 -9.72
CA LEU D 10 -29.03 9.83 -8.63
C LEU D 10 -29.86 9.51 -7.38
N ASP D 11 -29.18 9.17 -6.30
CA ASP D 11 -29.88 8.74 -5.09
C ASP D 11 -30.72 9.87 -4.50
N LEU D 12 -30.23 11.11 -4.55
CA LEU D 12 -30.97 12.23 -3.99
C LEU D 12 -31.98 12.80 -4.97
N PHE D 13 -31.88 12.43 -6.26
CA PHE D 13 -32.83 12.83 -7.30
C PHE D 13 -33.19 11.58 -8.09
N PRO D 14 -33.99 10.69 -7.50
CA PRO D 14 -34.16 9.35 -8.09
C PRO D 14 -34.78 9.35 -9.48
N GLU D 15 -35.32 10.48 -9.94
CA GLU D 15 -35.90 10.55 -11.28
C GLU D 15 -34.87 10.89 -12.36
N CYS D 16 -33.62 11.19 -11.99
CA CYS D 16 -32.53 11.44 -12.92
C CYS D 16 -31.58 10.26 -12.97
N ARG D 17 -31.13 9.91 -14.17
CA ARG D 17 -30.02 8.96 -14.29
C ARG D 17 -28.90 9.56 -15.11
N VAL D 18 -27.69 9.34 -14.64
CA VAL D 18 -26.48 9.80 -15.31
C VAL D 18 -26.00 8.67 -16.19
N THR D 19 -25.67 8.99 -17.43
CA THR D 19 -25.12 8.01 -18.37
C THR D 19 -23.71 8.44 -18.75
N LEU D 20 -22.80 7.46 -18.76
CA LEU D 20 -21.41 7.66 -19.15
C LEU D 20 -21.12 6.85 -20.41
N LEU D 21 -20.44 7.48 -21.36
CA LEU D 21 -19.99 6.82 -22.59
C LEU D 21 -18.52 7.16 -22.82
N LEU D 22 -17.71 6.13 -23.04
CA LEU D 22 -16.27 6.28 -23.21
C LEU D 22 -15.87 5.87 -24.63
N PHE D 23 -14.97 6.65 -25.24
CA PHE D 23 -14.47 6.42 -26.58
C PHE D 23 -12.96 6.58 -26.60
N LYS D 24 -12.26 5.68 -27.29
CA LYS D 24 -10.84 5.84 -27.56
C LYS D 24 -10.61 5.95 -29.06
N ASP D 25 -9.39 6.33 -29.43
CA ASP D 25 -9.02 6.55 -30.82
C ASP D 25 -9.96 7.55 -31.48
N VAL D 26 -10.40 8.54 -30.71
CA VAL D 26 -11.25 9.57 -31.26
C VAL D 26 -10.38 10.42 -32.17
N LYS D 27 -10.90 10.73 -33.34
CA LYS D 27 -10.08 11.44 -34.31
C LYS D 27 -10.61 12.83 -34.61
N ASN D 28 -11.72 13.23 -34.02
CA ASN D 28 -12.37 14.52 -34.33
C ASN D 28 -12.70 15.31 -33.07
N ALA D 29 -11.81 15.30 -32.08
CA ALA D 29 -12.15 15.96 -30.82
C ALA D 29 -12.41 17.46 -31.00
N GLY D 30 -11.69 18.11 -31.92
CA GLY D 30 -11.90 19.53 -32.12
C GLY D 30 -13.30 19.88 -32.58
N ASP D 31 -13.81 19.14 -33.57
CA ASP D 31 -15.18 19.36 -34.03
C ASP D 31 -16.19 19.15 -32.90
N LEU D 32 -15.99 18.09 -32.13
CA LEU D 32 -16.89 17.80 -31.01
C LEU D 32 -16.86 18.94 -29.99
N ARG D 33 -15.67 19.45 -29.68
CA ARG D 33 -15.58 20.57 -28.78
C ARG D 33 -16.36 21.77 -29.30
N ARG D 34 -16.21 22.07 -30.59
CA ARG D 34 -16.94 23.20 -31.18
C ARG D 34 -18.44 22.94 -31.17
N LYS D 35 -18.86 21.71 -31.48
CA LYS D 35 -20.29 21.38 -31.45
C LYS D 35 -20.87 21.58 -30.06
N ALA D 36 -20.11 21.23 -29.02
CA ALA D 36 -20.60 21.43 -27.66
C ALA D 36 -20.81 22.91 -27.36
N MET D 37 -19.91 23.78 -27.83
CA MET D 37 -20.06 25.20 -27.56
C MET D 37 -21.28 25.79 -28.27
N GLU D 38 -21.55 25.34 -29.50
CA GLU D 38 -22.72 25.81 -30.22
C GLU D 38 -24.00 25.11 -29.77
N GLY D 39 -23.90 24.14 -28.87
CA GLY D 39 -25.04 23.39 -28.42
C GLY D 39 -25.57 22.34 -29.37
N THR D 40 -24.83 21.99 -30.42
CA THR D 40 -25.35 20.90 -31.23
C THR D 40 -24.95 19.55 -30.63
N ILE D 41 -24.22 19.61 -29.52
CA ILE D 41 -24.08 18.51 -28.59
C ILE D 41 -24.43 19.08 -27.23
N ASP D 42 -25.35 18.42 -26.53
CA ASP D 42 -25.88 18.93 -25.27
C ASP D 42 -25.13 18.43 -24.05
N GLY D 43 -24.64 17.19 -24.08
CA GLY D 43 -23.92 16.59 -22.97
C GLY D 43 -22.58 17.23 -22.63
N SER D 44 -21.96 16.68 -21.59
CA SER D 44 -20.65 17.09 -21.12
C SER D 44 -19.57 16.25 -21.81
N LEU D 45 -18.61 16.94 -22.44
CA LEU D 45 -17.44 16.29 -23.02
C LEU D 45 -16.29 16.42 -22.03
N ILE D 46 -15.83 15.29 -21.51
CA ILE D 46 -14.92 15.26 -20.38
C ILE D 46 -13.66 14.50 -20.75
N ASN D 47 -12.53 14.95 -20.20
CA ASN D 47 -11.21 14.35 -20.37
C ASN D 47 -11.07 13.08 -19.53
N PRO D 48 -11.10 11.89 -20.14
CA PRO D 48 -11.04 10.65 -19.35
C PRO D 48 -9.68 10.41 -18.71
N THR D 49 -8.63 11.11 -19.14
CA THR D 49 -7.30 10.93 -18.56
C THR D 49 -7.25 11.23 -17.07
N VAL D 50 -8.16 12.07 -16.56
CA VAL D 50 -8.12 12.49 -15.18
C VAL D 50 -9.32 11.98 -14.39
N ILE D 51 -10.03 10.97 -14.91
CA ILE D 51 -11.14 10.36 -14.19
C ILE D 51 -10.66 9.01 -13.68
N VAL D 52 -10.60 8.85 -12.35
CA VAL D 52 -10.11 7.61 -11.77
C VAL D 52 -11.21 6.59 -11.53
N ASP D 53 -12.47 7.02 -11.48
CA ASP D 53 -13.56 6.15 -11.09
C ASP D 53 -14.88 6.80 -11.46
N PRO D 54 -15.90 6.05 -11.84
CA PRO D 54 -17.20 6.68 -12.13
C PRO D 54 -17.81 7.41 -10.93
N PHE D 55 -17.48 7.01 -9.69
CA PHE D 55 -17.95 7.75 -8.52
C PHE D 55 -17.59 9.23 -8.63
N GLN D 56 -16.41 9.51 -9.17
CA GLN D 56 -15.99 10.89 -9.37
C GLN D 56 -16.97 11.65 -10.25
N ILE D 57 -17.46 11.01 -11.31
CA ILE D 57 -18.44 11.64 -12.20
C ILE D 57 -19.78 11.81 -11.49
N LEU D 58 -20.20 10.79 -10.74
CA LEU D 58 -21.51 10.81 -10.11
C LEU D 58 -21.57 11.85 -9.00
N VAL D 59 -20.47 12.06 -8.29
CA VAL D 59 -20.40 13.13 -7.30
C VAL D 59 -20.55 14.48 -8.00
N ALA D 60 -19.80 14.68 -9.09
CA ALA D 60 -19.92 15.94 -9.83
C ALA D 60 -21.33 16.11 -10.38
N ALA D 61 -21.93 15.03 -10.89
CA ALA D 61 -23.28 15.15 -11.44
C ALA D 61 -24.29 15.46 -10.35
N ASN D 62 -24.18 14.78 -9.20
CA ASN D 62 -25.14 15.04 -8.11
C ASN D 62 -25.15 16.51 -7.75
N LYS D 63 -23.97 17.09 -7.55
CA LYS D 63 -23.87 18.48 -7.18
C LYS D 63 -24.41 19.39 -8.28
N ALA D 64 -24.15 19.04 -9.54
CA ALA D 64 -24.60 19.89 -10.65
C ALA D 64 -26.12 19.94 -10.71
N VAL D 65 -26.76 18.78 -10.59
CA VAL D 65 -28.22 18.72 -10.58
C VAL D 65 -28.77 19.48 -9.39
N HIS D 66 -28.15 19.32 -8.22
CA HIS D 66 -28.58 20.04 -7.02
C HIS D 66 -28.63 21.53 -7.27
N LEU D 67 -27.52 22.09 -7.78
CA LEU D 67 -27.47 23.53 -8.03
C LEU D 67 -28.34 23.92 -9.20
N TYR D 68 -28.49 23.04 -10.19
CA TYR D 68 -29.41 23.29 -11.29
C TYR D 68 -30.82 23.53 -10.77
N LYS D 69 -31.30 22.64 -9.91
CA LYS D 69 -32.67 22.75 -9.42
C LYS D 69 -32.84 23.94 -8.48
N LEU D 70 -31.77 24.37 -7.81
CA LEU D 70 -31.79 25.57 -6.98
C LEU D 70 -31.61 26.85 -7.77
N GLY D 71 -31.20 26.77 -9.02
CA GLY D 71 -30.88 27.95 -9.79
C GLY D 71 -29.62 28.65 -9.37
N LYS D 72 -28.62 27.91 -8.85
CA LYS D 72 -27.41 28.54 -8.36
C LYS D 72 -26.14 27.84 -8.85
N MET D 73 -26.15 27.39 -10.11
CA MET D 73 -24.93 26.81 -10.70
C MET D 73 -23.85 27.90 -10.89
N LYS D 74 -22.54 27.55 -10.89
CA LYS D 74 -21.67 28.64 -11.19
C LYS D 74 -21.38 28.76 -12.66
N THR D 75 -21.74 27.78 -13.47
CA THR D 75 -21.41 27.87 -14.88
C THR D 75 -22.68 28.05 -15.68
N ARG D 76 -22.52 28.00 -17.00
CA ARG D 76 -23.58 28.42 -17.90
C ARG D 76 -24.70 27.39 -17.96
N THR D 77 -24.33 26.12 -18.08
CA THR D 77 -25.30 25.05 -18.28
C THR D 77 -25.00 23.88 -17.34
N LEU D 78 -26.00 23.01 -17.19
CA LEU D 78 -25.79 21.77 -16.45
C LEU D 78 -24.56 21.04 -16.98
N SER D 79 -24.38 21.04 -18.31
CA SER D 79 -23.26 20.30 -18.89
C SER D 79 -21.92 20.90 -18.51
N THR D 80 -21.81 22.23 -18.50
CA THR D 80 -20.57 22.84 -18.02
C THR D 80 -20.41 22.66 -16.52
N GLU D 81 -21.52 22.62 -15.78
CA GLU D 81 -21.43 22.50 -14.32
C GLU D 81 -20.81 21.17 -13.92
N ILE D 82 -21.18 20.08 -14.59
CA ILE D 82 -20.59 18.78 -14.30
C ILE D 82 -19.08 18.84 -14.45
N ILE D 83 -18.62 19.41 -15.57
CA ILE D 83 -17.17 19.49 -15.80
C ILE D 83 -16.52 20.35 -14.74
N PHE D 84 -17.07 21.54 -14.50
CA PHE D 84 -16.52 22.44 -13.49
C PHE D 84 -16.39 21.73 -12.15
N ASN D 85 -17.40 20.94 -11.76
CA ASN D 85 -17.36 20.34 -10.43
C ASN D 85 -16.21 19.35 -10.30
N LEU D 86 -15.66 18.85 -11.39
CA LEU D 86 -14.54 17.92 -11.27
C LEU D 86 -13.27 18.59 -10.78
N SER D 87 -13.12 19.89 -11.02
CA SER D 87 -11.88 20.57 -10.73
C SER D 87 -11.75 20.84 -9.22
N PRO D 88 -10.52 20.81 -8.69
CA PRO D 88 -10.31 21.15 -7.28
C PRO D 88 -10.32 22.64 -7.00
N ASN D 89 -10.48 23.49 -8.02
CA ASN D 89 -10.38 24.93 -7.92
CA ASN D 89 -10.38 24.93 -7.88
C ASN D 89 -11.65 25.59 -8.43
N ASN D 90 -11.82 26.86 -8.10
CA ASN D 90 -13.01 27.60 -8.48
C ASN D 90 -12.83 28.47 -9.72
N ASN D 91 -11.70 28.34 -10.40
CA ASN D 91 -11.46 29.07 -11.66
C ASN D 91 -12.21 28.36 -12.78
N ILE D 92 -13.25 28.99 -13.31
CA ILE D 92 -14.14 28.29 -14.24
C ILE D 92 -13.45 28.03 -15.56
N SER D 93 -12.82 29.05 -16.16
CA SER D 93 -12.15 28.82 -17.44
C SER D 93 -11.07 27.77 -17.30
N GLU D 94 -10.29 27.80 -16.21
CA GLU D 94 -9.26 26.77 -16.03
C GLU D 94 -9.90 25.38 -15.92
N ALA D 95 -11.01 25.27 -15.18
CA ALA D 95 -11.65 23.96 -15.02
C ALA D 95 -12.13 23.42 -16.35
N LEU D 96 -12.82 24.24 -17.14
CA LEU D 96 -13.39 23.77 -18.39
C LEU D 96 -12.30 23.43 -19.41
N LYS D 97 -11.14 24.05 -19.31
CA LYS D 97 -10.14 23.66 -20.30
C LYS D 97 -9.29 22.48 -19.86
N LYS D 98 -9.04 22.28 -18.56
CA LYS D 98 -8.23 21.13 -18.14
C LYS D 98 -9.06 19.86 -17.93
N PHE D 99 -10.34 19.96 -17.56
CA PHE D 99 -11.18 18.77 -17.42
C PHE D 99 -12.10 18.55 -18.60
N GLY D 100 -12.25 19.54 -19.48
CA GLY D 100 -12.94 19.36 -20.74
C GLY D 100 -12.03 18.69 -21.74
N ILE D 101 -12.50 18.62 -22.98
CA ILE D 101 -11.74 17.97 -24.04
C ILE D 101 -11.03 19.04 -24.86
N SER D 102 -9.90 18.66 -25.44
CA SER D 102 -9.10 19.54 -26.28
C SER D 102 -9.02 18.96 -27.68
N ALA D 103 -8.59 19.81 -28.63
CA ALA D 103 -8.73 19.51 -30.05
C ALA D 103 -7.97 18.26 -30.49
N ASN D 104 -6.83 17.95 -29.86
CA ASN D 104 -6.08 16.77 -30.25
C ASN D 104 -6.13 15.65 -29.22
N ASP D 105 -7.17 15.62 -28.37
CA ASP D 105 -7.36 14.48 -27.50
C ASP D 105 -7.82 13.27 -28.32
N THR D 106 -7.43 12.08 -27.88
CA THR D 106 -7.80 10.86 -28.57
C THR D 106 -8.73 9.97 -27.76
N SER D 107 -9.05 10.37 -26.52
CA SER D 107 -10.02 9.66 -25.70
C SER D 107 -11.01 10.67 -25.13
N ILE D 108 -12.27 10.27 -25.06
CA ILE D 108 -13.36 11.17 -24.68
C ILE D 108 -14.33 10.43 -23.77
N LEU D 109 -14.82 11.13 -22.74
CA LEU D 109 -15.93 10.65 -21.92
C LEU D 109 -17.12 11.60 -22.11
N ILE D 110 -18.29 11.04 -22.42
CA ILE D 110 -19.51 11.82 -22.58
C ILE D 110 -20.43 11.51 -21.41
N VAL D 111 -20.91 12.56 -20.74
CA VAL D 111 -21.80 12.43 -19.60
C VAL D 111 -23.05 13.24 -19.87
N TYR D 112 -24.21 12.62 -19.69
CA TYR D 112 -25.46 13.33 -19.81
C TYR D 112 -26.44 12.82 -18.77
N ILE D 113 -27.48 13.60 -18.54
CA ILE D 113 -28.45 13.32 -17.48
C ILE D 113 -29.85 13.36 -18.08
N GLU D 114 -30.63 12.32 -17.84
CA GLU D 114 -32.00 12.24 -18.35
C GLU D 114 -32.99 12.30 -17.19
N GLU D 115 -34.15 12.90 -17.46
CA GLU D 115 -35.14 13.13 -16.43
C GLU D 115 -36.49 13.36 -17.10
N GLY D 116 -37.50 12.64 -16.64
CA GLY D 116 -38.85 12.84 -17.15
C GLY D 116 -38.89 12.56 -18.65
N GLU D 117 -39.48 13.48 -19.39
CA GLU D 117 -39.61 13.33 -20.84
C GLU D 117 -38.31 13.59 -21.59
N LYS D 118 -37.29 14.12 -20.94
CA LYS D 118 -36.05 14.49 -21.62
C LYS D 118 -35.18 13.26 -21.78
N GLN D 119 -35.14 12.74 -23.00
CA GLN D 119 -34.36 11.55 -23.33
C GLN D 119 -33.31 11.88 -24.37
N ILE D 120 -32.17 11.28 -24.25
CA ILE D 120 -31.09 11.54 -25.19
C ILE D 120 -31.14 10.49 -26.29
N ASN D 121 -30.99 10.94 -27.53
CA ASN D 121 -30.86 10.02 -28.66
C ASN D 121 -29.41 9.53 -28.69
N GLN D 122 -29.18 8.36 -28.09
CA GLN D 122 -27.80 7.90 -27.89
C GLN D 122 -27.13 7.58 -29.22
N GLU D 123 -27.88 7.01 -30.18
CA GLU D 123 -27.28 6.67 -31.47
C GLU D 123 -26.78 7.93 -32.18
N TYR D 124 -27.58 9.00 -32.15
CA TYR D 124 -27.16 10.27 -32.73
C TYR D 124 -25.86 10.75 -32.08
N LEU D 125 -25.80 10.69 -30.76
CA LEU D 125 -24.60 11.08 -30.04
C LEU D 125 -23.38 10.30 -30.53
N ILE D 126 -23.48 8.96 -30.52
CA ILE D 126 -22.36 8.11 -30.91
C ILE D 126 -21.93 8.38 -32.35
N SER D 127 -22.90 8.62 -33.22
CA SER D 127 -22.57 8.88 -34.62
C SER D 127 -21.73 10.13 -34.80
N GLN D 128 -21.76 11.06 -33.84
CA GLN D 128 -20.95 12.27 -33.93
C GLN D 128 -19.48 12.02 -33.64
N VAL D 129 -19.15 10.93 -32.95
CA VAL D 129 -17.78 10.67 -32.53
C VAL D 129 -17.08 9.84 -33.58
N GLU D 130 -16.03 10.41 -34.19
CA GLU D 130 -15.15 9.65 -35.07
C GLU D 130 -14.14 8.93 -34.18
N GLY D 131 -14.57 7.80 -33.65
CA GLY D 131 -13.77 7.07 -32.69
C GLY D 131 -14.46 5.77 -32.33
N HIS D 132 -13.84 5.04 -31.40
CA HIS D 132 -14.28 3.70 -31.04
C HIS D 132 -14.77 3.70 -29.61
N GLN D 133 -16.08 3.48 -29.43
CA GLN D 133 -16.66 3.39 -28.10
C GLN D 133 -16.13 2.15 -27.37
N VAL D 134 -15.87 2.30 -26.08
CA VAL D 134 -15.43 1.18 -25.24
C VAL D 134 -16.23 1.18 -23.94
N SER D 135 -16.24 0.03 -23.29
CA SER D 135 -16.93 -0.09 -22.03
C SER D 135 -16.18 0.66 -20.93
N LEU D 136 -16.91 1.13 -19.92
CA LEU D 136 -16.26 1.88 -18.86
C LEU D 136 -15.40 1.00 -17.97
N LYS D 137 -15.57 -0.32 -18.03
CA LYS D 137 -14.60 -1.21 -17.38
C LYS D 137 -13.18 -0.94 -17.87
N ASN D 138 -13.04 -0.32 -19.04
CA ASN D 138 -11.74 -0.04 -19.65
C ASN D 138 -11.19 1.35 -19.30
N LEU D 139 -11.72 2.00 -18.27
CA LEU D 139 -11.25 3.34 -17.89
C LEU D 139 -9.80 3.33 -17.40
N PRO D 140 -9.35 2.36 -16.59
CA PRO D 140 -7.96 2.37 -16.12
C PRO D 140 -6.89 2.49 -17.19
N GLU D 141 -7.14 2.04 -18.42
CA GLU D 141 -6.10 2.18 -19.44
C GLU D 141 -5.92 3.60 -19.89
N ILE D 142 -6.96 4.41 -19.75
CA ILE D 142 -6.96 5.78 -20.27
C ILE D 142 -6.58 6.78 -19.19
N MET D 143 -7.06 6.58 -17.97
CA MET D 143 -6.66 7.44 -16.88
C MET D 143 -5.18 7.27 -16.62
N ASN D 144 -4.50 8.40 -16.40
CA ASN D 144 -3.07 8.41 -16.13
C ASN D 144 -2.87 8.94 -14.72
N ILE D 145 -2.44 8.04 -13.81
CA ILE D 145 -2.35 8.42 -12.40
C ILE D 145 -1.39 9.59 -12.21
N THR D 146 -0.33 9.67 -13.02
CA THR D 146 0.59 10.79 -12.88
C THR D 146 -0.08 12.11 -13.26
N GLU D 147 -0.94 12.09 -14.27
CA GLU D 147 -1.71 13.29 -14.61
C GLU D 147 -2.78 13.56 -13.56
N VAL D 148 -3.33 12.51 -12.93
CA VAL D 148 -4.30 12.70 -11.87
C VAL D 148 -3.66 13.43 -10.69
N LYS D 149 -2.51 12.93 -10.22
CA LYS D 149 -1.84 13.55 -9.07
C LYS D 149 -1.35 14.95 -9.41
N LYS D 150 -1.02 15.17 -10.68
CA LYS D 150 -0.54 16.49 -11.12
C LYS D 150 -1.65 17.51 -11.11
N ILE D 151 -2.78 17.19 -11.69
CA ILE D 151 -3.90 18.12 -11.79
C ILE D 151 -4.57 18.35 -10.43
N TYR D 152 -4.60 17.33 -9.58
CA TYR D 152 -5.27 17.44 -8.29
C TYR D 152 -4.33 17.79 -7.14
N LYS D 153 -3.03 17.86 -7.39
CA LYS D 153 -2.05 18.22 -6.36
C LYS D 153 -2.05 17.20 -5.22
N LEU D 154 -2.36 15.95 -5.51
CA LEU D 154 -2.42 14.95 -4.46
C LEU D 154 -1.04 14.72 -3.87
N SER D 155 -1.00 14.48 -2.57
CA SER D 155 0.26 14.43 -1.84
C SER D 155 0.42 13.08 -1.16
N SER D 156 1.63 12.84 -0.68
CA SER D 156 1.94 11.59 -0.03
C SER D 156 1.15 11.44 1.28
N GLN D 157 0.89 12.56 1.96
CA GLN D 157 0.13 12.50 3.20
C GLN D 157 -1.29 12.04 2.95
N GLU D 158 -1.92 12.51 1.87
CA GLU D 158 -3.28 12.08 1.55
C GLU D 158 -3.32 10.60 1.23
N GLU D 159 -2.33 10.09 0.50
CA GLU D 159 -2.34 8.69 0.12
C GLU D 159 -2.06 7.77 1.31
N SER D 160 -1.49 8.32 2.39
CA SER D 160 -1.22 7.50 3.55
C SER D 160 -2.48 7.12 4.33
N ILE D 161 -3.60 7.82 4.11
CA ILE D 161 -4.79 7.58 4.91
C ILE D 161 -6.01 7.28 4.06
N GLY D 162 -5.81 7.11 2.76
CA GLY D 162 -6.92 6.74 1.91
C GLY D 162 -6.49 6.66 0.47
N THR D 163 -7.47 6.46 -0.41
CA THR D 163 -7.21 6.32 -1.84
C THR D 163 -7.03 7.69 -2.50
N LEU D 164 -6.46 7.67 -3.70
CA LEU D 164 -6.43 8.88 -4.51
C LEU D 164 -7.84 9.38 -4.78
N LEU D 165 -8.78 8.46 -5.04
CA LEU D 165 -10.16 8.82 -5.27
C LEU D 165 -10.73 9.55 -4.06
N ASP D 166 -10.44 9.04 -2.86
CA ASP D 166 -10.99 9.67 -1.67
C ASP D 166 -10.46 11.09 -1.52
N ALA D 167 -9.17 11.32 -1.84
CA ALA D 167 -8.63 12.67 -1.76
C ALA D 167 -9.27 13.58 -2.82
N ILE D 168 -9.44 13.07 -4.02
CA ILE D 168 -10.10 13.85 -5.08
C ILE D 168 -11.51 14.26 -4.65
N ILE D 169 -12.27 13.33 -4.10
CA ILE D 169 -13.67 13.65 -3.74
C ILE D 169 -13.73 14.73 -2.66
N CYS D 170 -12.85 14.62 -1.66
CA CYS D 170 -12.83 15.61 -0.60
C CYS D 170 -12.58 17.02 -1.16
N ARG D 171 -11.61 17.17 -2.06
CA ARG D 171 -11.41 18.47 -2.73
C ARG D 171 -12.65 18.92 -3.48
N MET D 172 -13.22 18.02 -4.30
CA MET D 172 -14.38 18.39 -5.10
C MET D 172 -15.54 18.84 -4.23
N SER D 173 -15.83 18.08 -3.17
CA SER D 173 -17.04 18.33 -2.38
C SER D 173 -16.97 19.59 -1.51
N THR D 174 -15.76 20.11 -1.24
CA THR D 174 -15.61 21.18 -0.27
C THR D 174 -15.09 22.48 -0.88
N LYS D 175 -14.84 22.51 -2.18
CA LYS D 175 -14.22 23.69 -2.77
C LYS D 175 -15.15 24.91 -2.75
N ASP D 176 -16.46 24.71 -2.59
CA ASP D 176 -17.38 25.82 -2.57
C ASP D 176 -17.37 26.58 -1.24
N VAL D 177 -16.70 26.06 -0.22
CA VAL D 177 -16.49 26.82 1.01
C VAL D 177 -15.01 27.16 1.20
N LEU D 178 -14.27 27.22 0.09
CA LEU D 178 -12.83 27.40 0.06
C LEU D 178 -12.13 26.44 1.01
#